data_3QHZ
#
_entry.id   3QHZ
#
_cell.length_a   69.920
_cell.length_b   80.940
_cell.length_c   77.195
_cell.angle_alpha   90.00
_cell.angle_beta   100.14
_cell.angle_gamma   90.00
#
_symmetry.space_group_name_H-M   'P 1 21 1'
#
loop_
_entity.id
_entity.type
_entity.pdbx_description
1 polymer 'Human monoclonal antibody del2D1, Fab Heavy Chain'
2 polymer 'Human monoclonal antibody del2D1, Fab Light Chain'
3 water water
#
loop_
_entity_poly.entity_id
_entity_poly.type
_entity_poly.pdbx_seq_one_letter_code
_entity_poly.pdbx_strand_id
1 'polypeptide(L)'
;(PCA)VNLRESGPALVKPTQTLTLTCSFSGFSLSTSGMSVSWIRQPPGKALEWLALIDWDDDTYYITYSSSLKTRLTISK
DTSKSQVVLTMTNMDPVDTATYYCARTLRVSGDYVRDFDLWGRGTLVTVSSASTKGPSVFPLAPSSKSTSGGTAALGCLV
KDYFPEPVTVSWNSGALTSGVHTFPAVLQSSGLYSLSSVVTVPSSSLGTQTYICNVNHKPSNTKVDKRVEPKSCDK
;
H,I
2 'polypeptide(L)'
;QPVLTQPPSASGTPGQRVTISCSGSSSNIGSNTVSWYQQVPGTAPKLLIYGNNERPSGVPDRFSGSKSATSASLAISGLQ
SEDEADYYCAAWDDSLNGFWVFGGGTKLTVLGQPKAAPSVTLFPPSSEELQANKATLVCLISDFYPGAVTVAWKADSSPV
KAGVETTTPSKQSNNKYAASSYLSLTPEQWKSHKSYSCQVTHEGSTVEKTVAPTECS
;
L,M
#
# COMPACT_ATOMS: atom_id res chain seq x y z
N PCA A 1 -12.38 -28.52 -26.68
CA PCA A 1 -11.29 -27.76 -26.08
CB PCA A 1 -11.13 -26.42 -26.78
CG PCA A 1 -12.43 -26.17 -27.52
CD PCA A 1 -13.17 -27.47 -27.32
OE PCA A 1 -14.34 -27.60 -27.66
C PCA A 1 -11.52 -27.53 -24.60
O PCA A 1 -12.65 -27.30 -24.16
N VAL A 2 -10.45 -27.58 -23.81
CA VAL A 2 -10.54 -27.32 -22.38
C VAL A 2 -10.80 -25.85 -22.13
N ASN A 3 -11.66 -25.56 -21.17
CA ASN A 3 -11.80 -24.18 -20.72
C ASN A 3 -12.42 -24.03 -19.34
N LEU A 4 -12.16 -22.87 -18.78
CA LEU A 4 -12.52 -22.50 -17.43
C LEU A 4 -12.60 -20.99 -17.50
N ARG A 5 -13.78 -20.42 -17.25
CA ARG A 5 -13.92 -18.98 -17.45
C ARG A 5 -14.96 -18.35 -16.53
N GLU A 6 -14.61 -17.19 -16.00
CA GLU A 6 -15.46 -16.44 -15.09
C GLU A 6 -16.30 -15.45 -15.88
N SER A 7 -17.52 -15.24 -15.40
CA SER A 7 -18.39 -14.21 -15.97
C SER A 7 -19.22 -13.55 -14.86
N GLY A 8 -19.68 -12.33 -15.13
CA GLY A 8 -20.46 -11.61 -14.15
C GLY A 8 -20.33 -10.13 -14.39
N PRO A 9 -21.00 -9.32 -13.57
CA PRO A 9 -20.99 -7.86 -13.77
CA PRO A 9 -20.99 -7.86 -13.75
C PRO A 9 -19.61 -7.26 -13.52
N ALA A 10 -19.26 -6.27 -14.32
CA ALA A 10 -17.99 -5.58 -14.17
C ALA A 10 -18.09 -4.48 -13.11
N LEU A 11 -19.33 -4.09 -12.79
CA LEU A 11 -19.57 -2.99 -11.88
C LEU A 11 -20.70 -3.36 -10.91
N VAL A 12 -20.46 -3.08 -9.65
CA VAL A 12 -21.46 -3.29 -8.62
CA VAL A 12 -21.47 -3.29 -8.62
C VAL A 12 -21.44 -2.11 -7.67
N LYS A 13 -22.60 -1.70 -7.19
CA LYS A 13 -22.67 -0.57 -6.27
C LYS A 13 -22.38 -1.02 -4.85
N PRO A 14 -21.83 -0.11 -4.03
CA PRO A 14 -21.59 -0.45 -2.63
C PRO A 14 -22.87 -0.90 -1.93
N THR A 15 -22.71 -1.89 -1.06
CA THR A 15 -23.77 -2.56 -0.29
C THR A 15 -24.55 -3.59 -1.09
N GLN A 16 -24.42 -3.60 -2.40
CA GLN A 16 -25.15 -4.55 -3.22
C GLN A 16 -24.42 -5.88 -3.33
N THR A 17 -25.06 -6.84 -3.97
CA THR A 17 -24.55 -8.19 -4.03
C THR A 17 -23.94 -8.49 -5.39
N LEU A 18 -22.79 -9.14 -5.35
CA LEU A 18 -22.07 -9.56 -6.54
C LEU A 18 -22.29 -11.06 -6.76
N THR A 19 -22.64 -11.44 -7.99
CA THR A 19 -22.75 -12.86 -8.34
C THR A 19 -21.86 -13.15 -9.55
N LEU A 20 -20.86 -14.01 -9.36
CA LEU A 20 -19.98 -14.44 -10.42
C LEU A 20 -20.19 -15.91 -10.71
N THR A 21 -20.03 -16.29 -11.98
CA THR A 21 -20.22 -17.64 -12.44
C THR A 21 -18.94 -18.15 -13.12
N CYS A 22 -18.56 -19.37 -12.76
CA CYS A 22 -17.43 -20.07 -13.37
C CYS A 22 -17.99 -21.20 -14.22
N SER A 23 -17.69 -21.18 -15.51
CA SER A 23 -18.12 -22.20 -16.44
C SER A 23 -16.94 -23.01 -16.96
N PHE A 24 -17.09 -24.32 -17.07
CA PHE A 24 -16.02 -25.14 -17.62
C PHE A 24 -16.51 -26.24 -18.57
N SER A 25 -15.58 -26.75 -19.37
CA SER A 25 -15.86 -27.83 -20.31
C SER A 25 -14.57 -28.42 -20.83
N GLY A 26 -14.68 -29.55 -21.51
CA GLY A 26 -13.57 -30.10 -22.25
C GLY A 26 -12.66 -31.04 -21.46
N PHE A 27 -13.00 -31.27 -20.20
CA PHE A 27 -12.27 -32.25 -19.40
C PHE A 27 -13.21 -33.09 -18.53
N SER A 28 -14.29 -33.57 -19.13
CA SER A 28 -15.33 -34.27 -18.37
C SER A 28 -14.81 -35.57 -17.74
N LEU A 29 -13.75 -36.15 -18.30
CA LEU A 29 -13.24 -37.43 -17.81
C LEU A 29 -12.19 -37.24 -16.73
N SER A 30 -12.02 -36.00 -16.28
CA SER A 30 -11.07 -35.68 -15.22
C SER A 30 -11.74 -34.98 -14.05
N THR A 31 -13.08 -34.98 -14.01
CA THR A 31 -13.78 -34.20 -12.98
C THR A 31 -14.06 -35.00 -11.71
N SER A 32 -13.81 -36.30 -11.72
CA SER A 32 -14.06 -37.11 -10.54
C SER A 32 -13.24 -36.62 -9.36
N GLY A 33 -13.91 -36.17 -8.31
CA GLY A 33 -13.24 -35.77 -7.08
C GLY A 33 -12.65 -34.37 -7.12
N MET A 34 -12.89 -33.64 -8.21
CA MET A 34 -12.33 -32.31 -8.34
C MET A 34 -13.04 -31.29 -7.44
N SER A 35 -12.42 -30.14 -7.25
CA SER A 35 -13.07 -29.02 -6.58
C SER A 35 -12.77 -27.75 -7.35
N VAL A 36 -13.56 -26.72 -7.11
CA VAL A 36 -13.40 -25.43 -7.74
C VAL A 36 -13.35 -24.34 -6.66
N SER A 37 -12.38 -23.44 -6.78
CA SER A 37 -12.19 -22.36 -5.83
C SER A 37 -12.35 -21.01 -6.50
N TRP A 38 -12.68 -20.01 -5.68
CA TRP A 38 -12.62 -18.61 -6.10
C TRP A 38 -11.47 -17.93 -5.34
N ILE A 39 -10.70 -17.14 -6.08
CA ILE A 39 -9.50 -16.48 -5.57
C ILE A 39 -9.53 -15.09 -6.14
N ARG A 40 -9.27 -14.07 -5.34
CA ARG A 40 -9.24 -12.73 -5.89
C ARG A 40 -7.90 -12.04 -5.69
N GLN A 41 -7.75 -10.91 -6.37
CA GLN A 41 -6.51 -10.15 -6.33
C GLN A 41 -6.78 -8.69 -6.57
N PRO A 42 -6.76 -7.88 -5.50
CA PRO A 42 -6.87 -6.44 -5.69
C PRO A 42 -5.68 -5.93 -6.52
N PRO A 43 -5.86 -4.82 -7.23
N PRO A 43 -5.83 -4.78 -7.17
CA PRO A 43 -4.76 -4.33 -8.06
CA PRO A 43 -4.75 -4.33 -8.06
C PRO A 43 -3.46 -4.16 -7.28
C PRO A 43 -3.45 -4.13 -7.29
N GLY A 44 -2.38 -4.76 -7.77
CA GLY A 44 -1.06 -4.62 -7.16
C GLY A 44 -0.85 -5.37 -5.86
N LYS A 45 -1.80 -6.21 -5.48
CA LYS A 45 -1.73 -6.91 -4.21
C LYS A 45 -1.71 -8.42 -4.42
N ALA A 46 -1.64 -9.17 -3.33
CA ALA A 46 -1.46 -10.62 -3.39
C ALA A 46 -2.75 -11.35 -3.71
N LEU A 47 -2.61 -12.57 -4.21
CA LEU A 47 -3.75 -13.51 -4.32
C LEU A 47 -4.36 -13.78 -2.96
N GLU A 48 -5.69 -13.86 -2.93
CA GLU A 48 -6.42 -14.16 -1.70
C GLU A 48 -7.49 -15.22 -1.97
N TRP A 49 -7.38 -16.37 -1.33
CA TRP A 49 -8.38 -17.43 -1.52
C TRP A 49 -9.67 -17.08 -0.77
N LEU A 50 -10.81 -17.33 -1.42
CA LEU A 50 -12.12 -16.98 -0.86
C LEU A 50 -12.95 -18.18 -0.44
N ALA A 51 -13.04 -19.17 -1.32
CA ALA A 51 -13.97 -20.28 -1.11
C ALA A 51 -13.66 -21.44 -2.05
N LEU A 52 -14.12 -22.62 -1.67
CA LEU A 52 -13.93 -23.83 -2.45
C LEU A 52 -15.18 -24.66 -2.34
N ILE A 53 -15.57 -25.30 -3.43
CA ILE A 53 -16.65 -26.27 -3.38
C ILE A 53 -16.22 -27.58 -4.04
N ASP A 54 -16.56 -28.70 -3.40
CA ASP A 54 -16.27 -30.00 -3.96
C ASP A 54 -17.35 -30.36 -4.99
N TRP A 55 -16.92 -30.97 -6.10
CA TRP A 55 -17.79 -31.17 -7.25
C TRP A 55 -18.65 -32.40 -7.06
N ASP A 56 -18.07 -33.46 -6.51
CA ASP A 56 -18.80 -34.73 -6.33
C ASP A 56 -19.35 -34.87 -4.91
N ASP A 57 -18.64 -34.31 -3.94
CA ASP A 57 -19.09 -34.35 -2.55
C ASP A 57 -19.87 -33.07 -2.23
N ASP A 58 -20.49 -33.01 -1.07
CA ASP A 58 -21.42 -31.93 -0.73
C ASP A 58 -20.79 -30.78 0.07
N THR A 59 -19.51 -30.92 0.40
CA THR A 59 -18.84 -29.97 1.25
C THR A 59 -18.35 -28.71 0.52
N TYR A 60 -18.31 -27.61 1.27
CA TYR A 60 -17.69 -26.38 0.80
C TYR A 60 -16.92 -25.76 1.94
N TYR A 61 -16.09 -24.78 1.58
CA TYR A 61 -15.21 -24.11 2.52
C TYR A 61 -15.19 -22.64 2.20
N ILE A 62 -15.10 -21.82 3.24
CA ILE A 62 -15.02 -20.36 3.11
C ILE A 62 -13.86 -19.84 3.94
N THR A 63 -13.20 -18.78 3.46
CA THR A 63 -12.18 -18.15 4.28
C THR A 63 -12.69 -17.76 5.67
N TYR A 64 -11.76 -17.73 6.63
CA TYR A 64 -12.06 -17.30 7.99
C TYR A 64 -11.87 -15.80 8.18
N SER A 65 -11.34 -15.12 7.16
CA SER A 65 -11.05 -13.69 7.27
C SER A 65 -12.31 -12.98 7.74
N SER A 66 -12.20 -12.19 8.80
CA SER A 66 -13.37 -11.65 9.48
C SER A 66 -14.22 -10.73 8.60
N SER A 67 -13.59 -9.98 7.70
CA SER A 67 -14.33 -9.04 6.87
C SER A 67 -14.97 -9.71 5.65
N LEU A 68 -14.71 -11.00 5.47
CA LEU A 68 -15.26 -11.75 4.34
C LEU A 68 -16.18 -12.92 4.73
N LYS A 69 -15.95 -13.51 5.91
CA LYS A 69 -16.53 -14.82 6.22
C LYS A 69 -18.07 -14.85 6.28
N THR A 70 -18.70 -13.73 6.60
CA THR A 70 -20.16 -13.69 6.66
C THR A 70 -20.80 -13.26 5.33
N ARG A 71 -19.97 -12.89 4.35
CA ARG A 71 -20.47 -12.31 3.10
C ARG A 71 -20.41 -13.26 1.91
N LEU A 72 -19.78 -14.42 2.10
CA LEU A 72 -19.49 -15.31 0.98
C LEU A 72 -20.37 -16.56 0.95
N THR A 73 -20.87 -16.86 -0.25
CA THR A 73 -21.60 -18.08 -0.54
C THR A 73 -20.98 -18.69 -1.81
N ILE A 74 -20.87 -20.00 -1.84
CA ILE A 74 -20.44 -20.69 -3.04
C ILE A 74 -21.43 -21.83 -3.30
N SER A 75 -21.75 -22.04 -4.58
N SER A 75 -21.75 -22.04 -4.58
CA SER A 75 -22.72 -23.05 -4.96
CA SER A 75 -22.74 -23.03 -4.96
C SER A 75 -22.37 -23.65 -6.31
C SER A 75 -22.36 -23.65 -6.31
N LYS A 76 -23.07 -24.71 -6.70
CA LYS A 76 -22.78 -25.36 -7.96
C LYS A 76 -24.05 -25.77 -8.69
N ASP A 77 -23.95 -25.77 -10.02
CA ASP A 77 -25.02 -26.29 -10.87
C ASP A 77 -24.41 -27.29 -11.84
N THR A 78 -24.47 -28.57 -11.48
CA THR A 78 -23.79 -29.60 -12.26
C THR A 78 -24.44 -29.83 -13.64
N SER A 79 -25.70 -29.44 -13.77
CA SER A 79 -26.39 -29.58 -15.05
C SER A 79 -25.82 -28.65 -16.11
N LYS A 80 -25.03 -27.66 -15.66
CA LYS A 80 -24.45 -26.66 -16.54
C LYS A 80 -22.94 -26.57 -16.43
N SER A 81 -22.33 -27.40 -15.57
CA SER A 81 -20.90 -27.32 -15.30
C SER A 81 -20.50 -25.91 -14.87
N GLN A 82 -21.23 -25.39 -13.88
CA GLN A 82 -20.97 -24.07 -13.35
C GLN A 82 -20.84 -24.04 -11.82
N VAL A 83 -19.98 -23.15 -11.34
CA VAL A 83 -19.86 -22.85 -9.93
C VAL A 83 -20.05 -21.35 -9.73
N VAL A 84 -20.86 -20.99 -8.75
CA VAL A 84 -21.26 -19.59 -8.53
C VAL A 84 -20.75 -19.06 -7.20
N LEU A 85 -20.18 -17.86 -7.23
CA LEU A 85 -19.79 -17.15 -6.03
C LEU A 85 -20.77 -16.01 -5.82
N THR A 86 -21.34 -15.93 -4.62
CA THR A 86 -22.24 -14.83 -4.29
C THR A 86 -21.66 -14.09 -3.10
N MET A 87 -21.45 -12.80 -3.25
CA MET A 87 -20.76 -12.01 -2.25
C MET A 87 -21.61 -10.79 -1.92
N THR A 88 -22.02 -10.66 -0.66
CA THR A 88 -22.95 -9.62 -0.26
C THR A 88 -22.23 -8.39 0.30
N ASN A 89 -22.96 -7.28 0.37
CA ASN A 89 -22.47 -6.05 0.98
C ASN A 89 -21.13 -5.63 0.40
N MET A 90 -21.07 -5.46 -0.92
CA MET A 90 -19.81 -5.16 -1.56
C MET A 90 -19.32 -3.76 -1.18
N ASP A 91 -18.00 -3.60 -1.10
CA ASP A 91 -17.38 -2.34 -0.72
C ASP A 91 -16.30 -2.00 -1.73
N PRO A 92 -15.97 -0.71 -1.89
CA PRO A 92 -14.89 -0.39 -2.84
C PRO A 92 -13.59 -1.17 -2.62
N VAL A 93 -13.30 -1.60 -1.39
CA VAL A 93 -12.07 -2.34 -1.13
C VAL A 93 -12.09 -3.75 -1.72
N ASP A 94 -13.28 -4.20 -2.12
CA ASP A 94 -13.44 -5.49 -2.79
C ASP A 94 -13.17 -5.40 -4.29
N THR A 95 -12.84 -4.21 -4.79
CA THR A 95 -12.46 -4.06 -6.19
C THR A 95 -11.23 -4.91 -6.47
N ALA A 96 -11.34 -5.80 -7.45
CA ALA A 96 -10.30 -6.80 -7.68
C ALA A 96 -10.57 -7.62 -8.91
N THR A 97 -9.56 -8.37 -9.34
CA THR A 97 -9.79 -9.41 -10.32
C THR A 97 -10.16 -10.68 -9.59
N TYR A 98 -11.25 -11.32 -10.02
CA TYR A 98 -11.76 -12.54 -9.40
C TYR A 98 -11.49 -13.69 -10.33
N TYR A 99 -10.79 -14.72 -9.81
CA TYR A 99 -10.43 -15.90 -10.57
C TYR A 99 -11.17 -17.12 -10.05
N CYS A 100 -11.55 -18.02 -10.96
CA CYS A 100 -11.89 -19.37 -10.54
C CYS A 100 -10.73 -20.30 -10.94
N ALA A 101 -10.57 -21.38 -10.19
CA ALA A 101 -9.48 -22.31 -10.41
C ALA A 101 -9.88 -23.70 -9.96
N ARG A 102 -9.34 -24.69 -10.66
CA ARG A 102 -9.66 -26.10 -10.44
C ARG A 102 -8.56 -26.82 -9.66
N THR A 103 -8.98 -27.74 -8.79
CA THR A 103 -8.10 -28.71 -8.14
C THR A 103 -8.57 -30.10 -8.54
N LEU A 104 -7.70 -30.85 -9.20
CA LEU A 104 -8.00 -32.23 -9.58
C LEU A 104 -7.75 -33.17 -8.41
N ARG A 105 -8.47 -34.28 -8.40
CA ARG A 105 -8.16 -35.38 -7.50
C ARG A 105 -7.24 -36.37 -8.21
N VAL A 106 -6.13 -36.72 -7.55
CA VAL A 106 -5.25 -37.76 -8.06
C VAL A 106 -5.00 -38.80 -6.97
N TYR A 110 -2.70 -36.83 -0.71
CA TYR A 110 -3.40 -35.58 -0.41
C TYR A 110 -2.83 -34.41 -1.21
N VAL A 111 -2.48 -34.70 -2.47
CA VAL A 111 -1.87 -33.70 -3.33
C VAL A 111 -2.95 -32.75 -3.87
N ARG A 112 -2.86 -31.49 -3.44
CA ARG A 112 -3.80 -30.45 -3.84
C ARG A 112 -3.06 -29.26 -4.43
N ASP A 113 -3.66 -28.62 -5.42
CA ASP A 113 -3.09 -27.43 -6.05
C ASP A 113 -4.10 -26.87 -7.04
N PHE A 114 -3.80 -25.71 -7.60
CA PHE A 114 -4.68 -25.06 -8.58
C PHE A 114 -4.03 -25.18 -9.95
N ASP A 115 -4.40 -26.21 -10.71
CA ASP A 115 -3.65 -26.53 -11.93
C ASP A 115 -4.21 -25.86 -13.18
N LEU A 116 -5.45 -25.40 -13.10
CA LEU A 116 -6.10 -24.71 -14.21
C LEU A 116 -6.81 -23.48 -13.65
N TRP A 117 -6.55 -22.33 -14.26
CA TRP A 117 -7.12 -21.06 -13.82
C TRP A 117 -7.90 -20.42 -14.95
N GLY A 118 -8.97 -19.71 -14.60
CA GLY A 118 -9.65 -18.88 -15.56
C GLY A 118 -8.81 -17.65 -15.86
N ARG A 119 -9.23 -16.88 -16.86
CA ARG A 119 -8.47 -15.67 -17.23
C ARG A 119 -8.64 -14.52 -16.22
N GLY A 120 -9.68 -14.63 -15.38
CA GLY A 120 -9.97 -13.62 -14.38
C GLY A 120 -11.05 -12.67 -14.89
N THR A 121 -11.87 -12.15 -13.99
CA THR A 121 -12.84 -11.11 -14.36
C THR A 121 -12.72 -9.93 -13.40
N LEU A 122 -12.62 -8.73 -13.95
CA LEU A 122 -12.43 -7.53 -13.14
C LEU A 122 -13.77 -7.07 -12.60
N VAL A 123 -13.81 -6.79 -11.30
CA VAL A 123 -15.00 -6.27 -10.64
C VAL A 123 -14.65 -4.95 -9.96
N THR A 124 -15.37 -3.90 -10.33
CA THR A 124 -15.18 -2.63 -9.68
C THR A 124 -16.40 -2.32 -8.83
N VAL A 125 -16.17 -1.91 -7.59
CA VAL A 125 -17.27 -1.52 -6.71
C VAL A 125 -17.26 -0.02 -6.59
N SER A 126 -18.31 0.63 -7.11
CA SER A 126 -18.36 2.07 -7.15
C SER A 126 -19.79 2.51 -7.31
N SER A 127 -20.08 3.72 -6.85
CA SER A 127 -21.40 4.32 -7.02
CA SER A 127 -21.39 4.33 -7.01
C SER A 127 -21.51 5.04 -8.37
N ALA A 128 -20.37 5.26 -9.02
CA ALA A 128 -20.37 5.96 -10.31
C ALA A 128 -21.01 5.12 -11.42
N SER A 129 -21.68 5.78 -12.37
CA SER A 129 -22.38 5.06 -13.41
CA SER A 129 -22.38 5.08 -13.43
C SER A 129 -21.45 4.63 -14.54
N THR A 130 -21.85 3.60 -15.26
CA THR A 130 -21.08 3.14 -16.39
CA THR A 130 -21.13 3.11 -16.42
C THR A 130 -21.13 4.18 -17.50
N LYS A 131 -20.03 4.31 -18.22
CA LYS A 131 -19.94 5.25 -19.31
C LYS A 131 -19.15 4.62 -20.42
N GLY A 132 -19.73 4.58 -21.62
CA GLY A 132 -19.07 3.99 -22.76
C GLY A 132 -18.06 4.93 -23.39
N PRO A 133 -17.11 4.36 -24.15
CA PRO A 133 -16.02 5.19 -24.68
C PRO A 133 -16.41 5.95 -25.93
N SER A 134 -15.68 7.04 -26.16
CA SER A 134 -15.68 7.76 -27.43
C SER A 134 -14.34 7.42 -28.09
N VAL A 135 -14.38 7.02 -29.35
CA VAL A 135 -13.20 6.54 -30.05
C VAL A 135 -12.80 7.52 -31.13
N PHE A 136 -11.52 7.88 -31.15
CA PHE A 136 -10.99 8.81 -32.12
C PHE A 136 -9.83 8.15 -32.87
N PRO A 137 -9.67 8.48 -34.15
CA PRO A 137 -8.58 7.89 -34.93
C PRO A 137 -7.26 8.58 -34.65
N LEU A 138 -6.18 7.80 -34.71
CA LEU A 138 -4.83 8.31 -34.55
C LEU A 138 -4.15 8.06 -35.89
N ALA A 139 -4.18 9.08 -36.75
CA ALA A 139 -3.83 8.91 -38.15
C ALA A 139 -2.32 8.92 -38.32
N PRO A 140 -1.81 8.02 -39.18
CA PRO A 140 -0.38 7.89 -39.45
C PRO A 140 0.22 9.14 -40.10
N GLY A 148 10.22 3.35 -43.33
CA GLY A 148 9.80 2.01 -43.66
C GLY A 148 8.45 1.66 -43.05
N THR A 149 8.19 2.17 -41.85
CA THR A 149 6.94 1.87 -41.17
C THR A 149 6.18 3.13 -40.79
N ALA A 150 4.90 2.93 -40.46
CA ALA A 150 4.03 4.00 -40.00
C ALA A 150 3.24 3.46 -38.82
N ALA A 151 2.92 4.32 -37.87
CA ALA A 151 2.09 3.93 -36.73
C ALA A 151 0.75 4.64 -36.83
N LEU A 152 -0.32 3.88 -36.68
CA LEU A 152 -1.67 4.44 -36.64
C LEU A 152 -2.40 3.78 -35.51
N GLY A 153 -3.50 4.36 -35.05
CA GLY A 153 -4.14 3.76 -33.90
C GLY A 153 -5.50 4.33 -33.64
N CYS A 154 -5.98 4.05 -32.43
N CYS A 154 -6.02 4.03 -32.46
CA CYS A 154 -7.26 4.55 -31.96
CA CYS A 154 -7.27 4.64 -32.01
C CYS A 154 -7.10 4.97 -30.51
C CYS A 154 -7.20 4.94 -30.53
N LEU A 155 -7.69 6.13 -30.19
CA LEU A 155 -7.75 6.60 -28.83
C LEU A 155 -9.15 6.31 -28.32
N VAL A 156 -9.21 5.58 -27.22
CA VAL A 156 -10.46 5.18 -26.60
C VAL A 156 -10.63 6.00 -25.33
N LYS A 157 -11.47 7.04 -25.41
CA LYS A 157 -11.56 8.07 -24.39
C LYS A 157 -12.72 7.92 -23.42
N ASP A 158 -12.44 8.19 -22.15
CA ASP A 158 -13.44 8.56 -21.17
C ASP A 158 -14.47 7.46 -20.94
N TYR A 159 -14.03 6.29 -20.51
CA TYR A 159 -14.97 5.23 -20.19
C TYR A 159 -14.85 4.79 -18.73
N PHE A 160 -15.84 4.04 -18.29
CA PHE A 160 -15.86 3.51 -16.93
C PHE A 160 -16.89 2.41 -16.85
N PRO A 161 -16.58 1.31 -16.15
CA PRO A 161 -15.31 0.95 -15.53
C PRO A 161 -14.41 0.25 -16.54
N GLU A 162 -13.25 -0.20 -16.11
CA GLU A 162 -12.47 -1.14 -16.89
C GLU A 162 -13.27 -2.45 -16.98
N PRO A 163 -12.99 -3.28 -17.99
CA PRO A 163 -12.01 -3.12 -19.04
C PRO A 163 -12.60 -2.82 -20.42
N VAL A 164 -11.71 -2.41 -21.31
CA VAL A 164 -11.98 -2.31 -22.73
C VAL A 164 -11.02 -3.26 -23.44
N THR A 165 -11.51 -3.96 -24.46
CA THR A 165 -10.61 -4.69 -25.36
C THR A 165 -10.61 -4.07 -26.76
N VAL A 166 -9.51 -4.22 -27.48
CA VAL A 166 -9.39 -3.70 -28.83
C VAL A 166 -8.80 -4.75 -29.76
N SER A 167 -9.47 -4.97 -30.90
CA SER A 167 -8.91 -5.78 -31.97
C SER A 167 -8.79 -4.89 -33.20
N TRP A 168 -8.21 -5.43 -34.26
CA TRP A 168 -8.11 -4.71 -35.54
C TRP A 168 -8.59 -5.60 -36.67
N ASN A 169 -9.41 -5.05 -37.55
CA ASN A 169 -9.91 -5.78 -38.70
C ASN A 169 -10.60 -7.08 -38.28
N SER A 170 -11.36 -7.00 -37.20
CA SER A 170 -12.16 -8.12 -36.71
C SER A 170 -11.30 -9.30 -36.30
N GLY A 171 -10.12 -9.01 -35.78
CA GLY A 171 -9.21 -10.04 -35.32
C GLY A 171 -8.24 -10.51 -36.39
N ALA A 172 -8.54 -10.18 -37.64
CA ALA A 172 -7.73 -10.64 -38.78
C ALA A 172 -6.32 -10.11 -38.68
N LEU A 173 -6.17 -8.90 -38.17
CA LEU A 173 -4.86 -8.27 -38.04
C LEU A 173 -4.37 -8.31 -36.60
N THR A 174 -3.25 -8.98 -36.37
CA THR A 174 -2.73 -9.16 -35.02
C THR A 174 -1.25 -8.77 -34.91
N SER A 175 -0.51 -8.95 -36.01
CA SER A 175 0.91 -8.64 -35.99
C SER A 175 1.13 -7.13 -35.99
N GLY A 176 1.99 -6.67 -35.09
CA GLY A 176 2.33 -5.27 -35.00
C GLY A 176 1.34 -4.48 -34.15
N VAL A 177 0.35 -5.18 -33.61
CA VAL A 177 -0.66 -4.53 -32.76
C VAL A 177 -0.16 -4.39 -31.32
N HIS A 178 -0.48 -3.27 -30.71
CA HIS A 178 -0.12 -3.02 -29.31
C HIS A 178 -1.17 -2.15 -28.62
N THR A 179 -1.90 -2.76 -27.71
CA THR A 179 -2.92 -2.06 -26.94
C THR A 179 -2.35 -1.76 -25.56
N PHE A 180 -2.32 -0.48 -25.21
CA PHE A 180 -1.69 -0.01 -23.99
C PHE A 180 -2.65 -0.04 -22.82
N PRO A 181 -2.12 -0.28 -21.62
CA PRO A 181 -2.96 -0.16 -20.43
C PRO A 181 -3.51 1.25 -20.28
N ALA A 182 -4.66 1.35 -19.64
CA ALA A 182 -5.38 2.59 -19.54
C ALA A 182 -4.76 3.55 -18.52
N VAL A 183 -4.98 4.83 -18.79
CA VAL A 183 -4.71 5.87 -17.82
C VAL A 183 -6.00 6.19 -17.05
N LEU A 184 -5.87 6.37 -15.74
CA LEU A 184 -6.98 6.80 -14.91
C LEU A 184 -6.89 8.30 -14.68
N GLN A 185 -7.88 9.03 -15.17
CA GLN A 185 -7.90 10.48 -15.02
C GLN A 185 -8.47 10.87 -13.65
N SER A 186 -8.23 12.11 -13.26
CA SER A 186 -8.70 12.62 -11.98
C SER A 186 -10.23 12.65 -11.93
N SER A 187 -10.84 12.69 -13.11
CA SER A 187 -12.30 12.64 -13.25
C SER A 187 -12.87 11.29 -12.85
N GLY A 188 -12.02 10.29 -12.76
CA GLY A 188 -12.47 8.93 -12.47
C GLY A 188 -12.71 8.08 -13.70
N LEU A 189 -12.58 8.68 -14.88
CA LEU A 189 -12.74 7.96 -16.14
C LEU A 189 -11.39 7.46 -16.69
N TYR A 190 -11.44 6.38 -17.47
CA TYR A 190 -10.26 5.80 -18.10
C TYR A 190 -10.14 6.18 -19.56
N SER A 191 -8.90 6.24 -20.07
CA SER A 191 -8.67 6.28 -21.50
C SER A 191 -7.54 5.33 -21.84
N LEU A 192 -7.59 4.73 -23.02
CA LEU A 192 -6.44 3.96 -23.48
C LEU A 192 -6.23 4.16 -24.96
N SER A 193 -5.06 3.74 -25.46
CA SER A 193 -4.78 3.79 -26.88
C SER A 193 -4.33 2.43 -27.39
N SER A 194 -4.62 2.15 -28.65
CA SER A 194 -4.12 0.96 -29.32
C SER A 194 -3.48 1.41 -30.62
N VAL A 195 -2.29 0.91 -30.90
CA VAL A 195 -1.56 1.29 -32.10
CA VAL A 195 -1.59 1.28 -32.12
C VAL A 195 -1.12 0.05 -32.86
N VAL A 196 -1.08 0.16 -34.17
CA VAL A 196 -0.53 -0.91 -34.99
C VAL A 196 0.58 -0.29 -35.83
N THR A 197 1.70 -0.99 -35.90
CA THR A 197 2.81 -0.55 -36.73
C THR A 197 2.76 -1.34 -38.01
N VAL A 198 2.73 -0.64 -39.14
CA VAL A 198 2.61 -1.30 -40.44
C VAL A 198 3.60 -0.72 -41.42
N PRO A 199 3.96 -1.50 -42.45
CA PRO A 199 4.77 -0.91 -43.53
C PRO A 199 4.06 0.32 -44.12
N SER A 200 4.83 1.36 -44.43
CA SER A 200 4.26 2.61 -44.92
C SER A 200 3.41 2.37 -46.16
N SER A 201 3.91 1.54 -47.06
CA SER A 201 3.29 1.34 -48.36
C SER A 201 1.97 0.57 -48.29
N SER A 202 1.68 -0.03 -47.14
CA SER A 202 0.45 -0.79 -46.97
CA SER A 202 0.45 -0.79 -46.97
C SER A 202 -0.73 0.12 -46.63
N LEU A 203 -0.43 1.40 -46.40
CA LEU A 203 -1.46 2.36 -46.05
C LEU A 203 -2.46 2.56 -47.19
N GLY A 204 -2.00 2.36 -48.42
CA GLY A 204 -2.86 2.55 -49.58
C GLY A 204 -3.51 1.28 -50.10
N THR A 205 -3.15 0.14 -49.51
CA THR A 205 -3.64 -1.15 -49.99
C THR A 205 -4.41 -1.92 -48.92
N GLN A 206 -4.42 -1.39 -47.70
CA GLN A 206 -5.04 -2.08 -46.57
C GLN A 206 -5.97 -1.14 -45.81
N THR A 207 -7.16 -1.61 -45.48
CA THR A 207 -8.08 -0.89 -44.62
C THR A 207 -7.75 -1.23 -43.18
N TYR A 208 -7.70 -0.21 -42.31
CA TYR A 208 -7.47 -0.44 -40.89
C TYR A 208 -8.66 0.06 -40.06
N ILE A 209 -9.31 -0.87 -39.38
CA ILE A 209 -10.45 -0.57 -38.53
C ILE A 209 -10.18 -1.11 -37.13
N CYS A 210 -10.26 -0.25 -36.13
N CYS A 210 -10.34 -0.27 -36.12
CA CYS A 210 -10.15 -0.73 -34.76
CA CYS A 210 -10.13 -0.69 -34.73
C CYS A 210 -11.53 -1.11 -34.27
C CYS A 210 -11.45 -0.99 -34.02
N ASN A 211 -11.61 -2.26 -33.62
CA ASN A 211 -12.83 -2.73 -33.01
C ASN A 211 -12.69 -2.65 -31.50
N VAL A 212 -13.51 -1.82 -30.88
CA VAL A 212 -13.43 -1.55 -29.47
C VAL A 212 -14.65 -2.15 -28.80
N ASN A 213 -14.43 -2.88 -27.71
CA ASN A 213 -15.51 -3.53 -26.97
C ASN A 213 -15.47 -3.06 -25.53
N HIS A 214 -16.54 -2.45 -25.06
CA HIS A 214 -16.68 -2.08 -23.66
C HIS A 214 -17.89 -2.83 -23.10
N LYS A 215 -17.64 -4.06 -22.66
CA LYS A 215 -18.72 -4.92 -22.19
C LYS A 215 -19.53 -4.30 -21.05
N PRO A 216 -18.87 -3.58 -20.12
CA PRO A 216 -19.63 -3.01 -18.99
C PRO A 216 -20.78 -2.08 -19.40
N SER A 217 -20.64 -1.40 -20.53
CA SER A 217 -21.70 -0.51 -21.02
C SER A 217 -22.43 -1.09 -22.24
N ASN A 218 -22.08 -2.32 -22.61
CA ASN A 218 -22.63 -2.96 -23.80
C ASN A 218 -22.49 -2.07 -25.02
N THR A 219 -21.29 -1.54 -25.20
CA THR A 219 -20.96 -0.69 -26.32
C THR A 219 -19.88 -1.36 -27.16
N LYS A 220 -20.02 -1.29 -28.47
CA LYS A 220 -19.00 -1.74 -29.41
C LYS A 220 -18.79 -0.64 -30.42
N VAL A 221 -17.54 -0.37 -30.77
CA VAL A 221 -17.24 0.70 -31.72
C VAL A 221 -16.26 0.22 -32.78
N ASP A 222 -16.62 0.40 -34.04
CA ASP A 222 -15.70 0.21 -35.14
C ASP A 222 -15.32 1.58 -35.67
N LYS A 223 -14.02 1.84 -35.78
CA LYS A 223 -13.55 3.10 -36.31
C LYS A 223 -12.49 2.85 -37.38
N ARG A 224 -12.75 3.34 -38.59
CA ARG A 224 -11.78 3.26 -39.66
C ARG A 224 -10.79 4.40 -39.49
N VAL A 225 -9.50 4.09 -39.59
CA VAL A 225 -8.48 5.11 -39.45
C VAL A 225 -8.00 5.55 -40.83
N GLU A 226 -8.35 6.78 -41.21
CA GLU A 226 -8.08 7.34 -42.54
C GLU A 226 -6.75 8.09 -42.54
N PRO A 227 -6.29 8.52 -43.72
CA PRO A 227 -5.08 9.35 -43.78
C PRO A 227 -5.31 10.68 -43.07
N LYS A 228 -4.25 11.26 -42.54
CA LYS A 228 -4.36 12.50 -41.78
C LYS A 228 -4.86 13.64 -42.68
N SER A 229 -5.88 14.35 -42.22
CA SER A 229 -6.36 15.53 -42.94
C SER A 229 -5.49 16.72 -42.57
N CYS A 230 -5.41 17.70 -43.48
CA CYS A 230 -4.53 18.85 -43.30
C CYS A 230 -3.12 18.37 -42.95
N ASP A 231 -2.61 17.46 -43.77
CA ASP A 231 -1.29 16.89 -43.54
C ASP A 231 -0.20 17.80 -44.11
N LYS A 232 0.14 18.85 -43.36
CA LYS A 232 1.23 19.74 -43.75
C LYS A 232 2.47 19.42 -42.91
N PRO B 2 -3.72 -18.40 9.94
CA PRO B 2 -2.33 -18.59 9.50
C PRO B 2 -2.00 -17.92 8.17
N VAL B 3 -0.76 -17.48 8.02
CA VAL B 3 -0.31 -16.85 6.78
C VAL B 3 0.93 -17.58 6.30
N LEU B 4 1.26 -17.44 5.03
CA LEU B 4 2.53 -17.91 4.51
C LEU B 4 3.40 -16.69 4.25
N THR B 5 4.66 -16.78 4.64
CA THR B 5 5.57 -15.64 4.57
C THR B 5 6.63 -15.84 3.50
N GLN B 6 6.64 -14.92 2.52
CA GLN B 6 7.64 -14.89 1.46
C GLN B 6 8.32 -13.53 1.47
N PRO B 7 9.58 -13.47 1.04
CA PRO B 7 10.22 -12.16 0.89
C PRO B 7 9.50 -11.34 -0.18
N PRO B 8 9.35 -10.04 0.04
CA PRO B 8 8.60 -9.25 -0.95
C PRO B 8 9.29 -9.19 -2.32
N SER B 9 10.61 -9.28 -2.34
CA SER B 9 11.36 -9.23 -3.59
C SER B 9 12.56 -10.16 -3.59
N ALA B 10 13.01 -10.50 -4.80
CA ALA B 10 14.22 -11.29 -4.98
C ALA B 10 14.87 -10.87 -6.30
N SER B 11 16.15 -11.14 -6.45
CA SER B 11 16.83 -10.77 -7.69
C SER B 11 18.03 -11.67 -7.98
N GLY B 12 18.39 -11.72 -9.25
CA GLY B 12 19.59 -12.41 -9.70
C GLY B 12 19.90 -11.96 -11.10
N THR B 13 21.08 -12.32 -11.61
CA THR B 13 21.47 -11.90 -12.94
C THR B 13 21.34 -13.12 -13.85
N PRO B 14 21.40 -12.90 -15.17
CA PRO B 14 21.15 -14.03 -16.06
C PRO B 14 22.11 -15.19 -15.82
N GLY B 15 21.55 -16.39 -15.77
CA GLY B 15 22.35 -17.58 -15.60
C GLY B 15 22.61 -17.93 -14.15
N GLN B 16 22.32 -17.02 -13.22
CA GLN B 16 22.45 -17.36 -11.80
C GLN B 16 21.38 -18.33 -11.33
N ARG B 17 21.64 -18.94 -10.18
CA ARG B 17 20.67 -19.82 -9.52
C ARG B 17 20.20 -19.10 -8.28
N VAL B 18 18.89 -18.97 -8.14
CA VAL B 18 18.32 -18.27 -7.00
C VAL B 18 17.24 -19.11 -6.33
N THR B 19 16.97 -18.78 -5.07
CA THR B 19 15.94 -19.46 -4.29
CA THR B 19 15.93 -19.47 -4.30
C THR B 19 14.99 -18.44 -3.70
N ILE B 20 13.73 -18.85 -3.56
N ILE B 20 13.73 -18.82 -3.56
CA ILE B 20 12.69 -18.06 -2.93
CA ILE B 20 12.73 -18.00 -2.91
C ILE B 20 12.03 -18.92 -1.86
C ILE B 20 12.09 -18.91 -1.86
N SER B 21 11.97 -18.42 -0.63
CA SER B 21 11.47 -19.19 0.50
CA SER B 21 11.45 -19.22 0.46
C SER B 21 10.01 -18.87 0.80
N CYS B 22 9.37 -19.78 1.54
CA CYS B 22 7.97 -19.65 1.93
C CYS B 22 7.85 -20.34 3.29
N SER B 23 7.57 -19.55 4.31
CA SER B 23 7.54 -20.04 5.69
C SER B 23 6.11 -20.16 6.19
N GLY B 24 5.78 -21.29 6.80
CA GLY B 24 4.42 -21.54 7.25
C GLY B 24 4.39 -22.14 8.65
N SER B 25 3.45 -23.04 8.85
CA SER B 25 3.20 -23.65 10.16
C SER B 25 2.97 -25.14 9.99
N SER B 26 2.87 -25.87 11.09
CA SER B 26 2.63 -27.31 11.03
C SER B 26 1.34 -27.67 10.30
N SER B 27 0.31 -26.82 10.45
CA SER B 27 -1.01 -27.13 9.90
C SER B 27 -1.17 -26.86 8.39
N ASN B 28 -0.24 -26.10 7.81
CA ASN B 28 -0.20 -25.98 6.34
C ASN B 28 1.01 -26.70 5.73
N ILE B 29 2.13 -26.00 5.60
CA ILE B 29 3.33 -26.55 4.97
C ILE B 29 3.79 -27.81 5.67
N GLY B 30 3.70 -27.83 6.99
CA GLY B 30 4.15 -28.96 7.77
C GLY B 30 3.42 -30.27 7.48
N SER B 31 2.18 -30.18 7.01
CA SER B 31 1.36 -31.38 6.82
C SER B 31 0.64 -31.47 5.47
N ASN B 32 0.89 -30.53 4.58
CA ASN B 32 0.21 -30.54 3.28
C ASN B 32 1.15 -30.16 2.15
N THR B 33 0.79 -30.51 0.92
CA THR B 33 1.65 -30.24 -0.24
C THR B 33 1.71 -28.75 -0.57
N VAL B 34 2.91 -28.25 -0.80
CA VAL B 34 3.09 -26.87 -1.21
C VAL B 34 3.10 -26.80 -2.74
N SER B 35 2.47 -25.76 -3.26
CA SER B 35 2.52 -25.47 -4.67
C SER B 35 2.99 -24.04 -4.89
N TRP B 36 3.49 -23.80 -6.09
CA TRP B 36 3.96 -22.47 -6.47
C TRP B 36 3.33 -22.03 -7.76
N TYR B 37 3.20 -20.71 -7.92
CA TYR B 37 2.51 -20.09 -9.04
C TYR B 37 3.32 -18.93 -9.55
N GLN B 38 3.40 -18.83 -10.87
CA GLN B 38 4.06 -17.72 -11.55
C GLN B 38 3.02 -16.81 -12.13
N GLN B 39 3.20 -15.50 -11.97
CA GLN B 39 2.25 -14.54 -12.51
C GLN B 39 2.95 -13.29 -13.03
N VAL B 40 2.73 -12.97 -14.30
CA VAL B 40 3.04 -11.65 -14.84
C VAL B 40 1.89 -10.73 -14.45
N PRO B 41 2.19 -9.64 -13.73
CA PRO B 41 1.10 -8.73 -13.36
C PRO B 41 0.21 -8.38 -14.56
N GLY B 42 -1.11 -8.46 -14.37
CA GLY B 42 -2.05 -8.19 -15.45
C GLY B 42 -2.63 -9.43 -16.10
N THR B 43 -2.11 -10.61 -15.73
CA THR B 43 -2.54 -11.87 -16.34
C THR B 43 -2.71 -12.91 -15.25
N ALA B 44 -3.42 -14.00 -15.56
CA ALA B 44 -3.70 -15.03 -14.57
C ALA B 44 -2.44 -15.75 -14.15
N PRO B 45 -2.36 -16.15 -12.88
CA PRO B 45 -1.29 -17.04 -12.42
C PRO B 45 -1.30 -18.38 -13.16
N LYS B 46 -0.16 -19.05 -13.17
CA LYS B 46 -0.09 -20.39 -13.70
C LYS B 46 0.65 -21.28 -12.72
N LEU B 47 0.19 -22.51 -12.59
CA LEU B 47 0.87 -23.50 -11.75
C LEU B 47 2.30 -23.75 -12.25
N LEU B 48 3.24 -23.72 -11.31
CA LEU B 48 4.67 -23.82 -11.60
C LEU B 48 5.33 -25.06 -10.97
N ILE B 49 4.95 -25.37 -9.72
CA ILE B 49 5.42 -26.55 -8.98
C ILE B 49 4.24 -27.04 -8.15
N TYR B 50 4.09 -28.35 -8.02
CA TYR B 50 3.05 -28.87 -7.14
C TYR B 50 3.58 -30.07 -6.38
N GLY B 51 2.83 -30.51 -5.37
CA GLY B 51 3.24 -31.68 -4.62
C GLY B 51 4.63 -31.52 -4.02
N ASN B 52 4.92 -30.32 -3.56
CA ASN B 52 6.24 -29.92 -3.06
C ASN B 52 7.36 -29.83 -4.10
N ASN B 53 7.55 -30.88 -4.89
CA ASN B 53 8.72 -30.96 -5.76
C ASN B 53 8.44 -31.47 -7.18
N GLU B 54 7.19 -31.41 -7.62
CA GLU B 54 6.81 -31.90 -8.95
C GLU B 54 6.60 -30.73 -9.90
N ARG B 55 7.01 -30.91 -11.16
N ARG B 55 6.94 -30.96 -11.17
CA ARG B 55 6.82 -29.90 -12.19
CA ARG B 55 6.82 -29.92 -12.20
C ARG B 55 5.61 -30.25 -13.05
C ARG B 55 5.65 -30.23 -13.11
N PRO B 56 4.67 -29.30 -13.20
CA PRO B 56 3.55 -29.49 -14.12
C PRO B 56 4.04 -29.62 -15.56
N SER B 57 3.29 -30.29 -16.40
CA SER B 57 3.65 -30.44 -17.80
C SER B 57 3.91 -29.08 -18.43
N GLY B 58 5.01 -28.96 -19.15
CA GLY B 58 5.34 -27.74 -19.86
C GLY B 58 6.28 -26.82 -19.13
N VAL B 59 6.34 -26.93 -17.81
CA VAL B 59 7.21 -26.05 -17.03
C VAL B 59 8.67 -26.46 -17.25
N PRO B 60 9.53 -25.46 -17.58
CA PRO B 60 10.94 -25.77 -17.88
C PRO B 60 11.67 -26.43 -16.71
N ASP B 61 12.67 -27.25 -17.03
CA ASP B 61 13.38 -28.03 -16.04
C ASP B 61 14.19 -27.19 -15.04
N ARG B 62 14.41 -25.91 -15.35
CA ARG B 62 15.17 -25.06 -14.45
C ARG B 62 14.40 -24.71 -13.16
N PHE B 63 13.10 -25.01 -13.14
CA PHE B 63 12.29 -24.77 -11.96
C PHE B 63 12.20 -26.03 -11.10
N SER B 64 12.43 -25.89 -9.80
CA SER B 64 12.28 -27.01 -8.89
C SER B 64 11.82 -26.53 -7.52
N GLY B 65 11.25 -27.44 -6.75
CA GLY B 65 10.73 -27.09 -5.44
C GLY B 65 11.17 -28.10 -4.39
N SER B 66 11.25 -27.63 -3.16
CA SER B 66 11.53 -28.51 -2.03
C SER B 66 10.76 -28.04 -0.81
N LYS B 67 10.64 -28.92 0.18
CA LYS B 67 10.05 -28.52 1.45
C LYS B 67 10.61 -29.36 2.57
N SER B 68 10.87 -28.70 3.70
CA SER B 68 11.32 -29.38 4.90
C SER B 68 10.68 -28.73 6.12
N ALA B 69 10.09 -29.53 6.99
CA ALA B 69 9.47 -29.01 8.21
C ALA B 69 8.41 -27.99 7.81
N THR B 70 8.54 -26.75 8.24
CA THR B 70 7.52 -25.75 7.95
C THR B 70 7.96 -24.69 6.95
N SER B 71 8.99 -24.96 6.16
CA SER B 71 9.37 -24.02 5.11
C SER B 71 9.52 -24.73 3.77
N ALA B 72 9.19 -24.02 2.68
CA ALA B 72 9.32 -24.55 1.34
C ALA B 72 10.16 -23.57 0.53
N SER B 73 10.77 -24.07 -0.53
CA SER B 73 11.66 -23.26 -1.35
CA SER B 73 11.61 -23.21 -1.37
C SER B 73 11.51 -23.55 -2.84
N LEU B 74 11.41 -22.50 -3.65
CA LEU B 74 11.43 -22.60 -5.10
C LEU B 74 12.83 -22.23 -5.57
N ALA B 75 13.42 -23.07 -6.41
CA ALA B 75 14.75 -22.81 -6.96
C ALA B 75 14.62 -22.62 -8.46
N ILE B 76 15.26 -21.58 -8.97
CA ILE B 76 15.35 -21.36 -10.41
C ILE B 76 16.82 -21.45 -10.79
N SER B 77 17.16 -22.47 -11.58
CA SER B 77 18.56 -22.81 -11.83
C SER B 77 18.99 -22.33 -13.22
N GLY B 78 19.33 -21.06 -13.30
CA GLY B 78 19.74 -20.44 -14.54
C GLY B 78 18.71 -19.42 -14.96
N LEU B 79 18.75 -18.25 -14.31
CA LEU B 79 17.75 -17.22 -14.57
C LEU B 79 17.75 -16.78 -16.04
N GLN B 80 16.54 -16.65 -16.59
CA GLN B 80 16.33 -16.14 -17.93
C GLN B 80 15.44 -14.90 -17.84
N SER B 81 15.47 -14.06 -18.86
N SER B 81 15.50 -14.07 -18.86
N SER B 81 15.48 -14.07 -18.87
CA SER B 81 14.72 -12.81 -18.82
CA SER B 81 14.72 -12.84 -18.92
CA SER B 81 14.72 -12.83 -18.90
C SER B 81 13.22 -13.04 -18.63
C SER B 81 13.26 -13.09 -18.58
C SER B 81 13.24 -13.06 -18.64
N GLU B 82 12.70 -14.15 -19.17
CA GLU B 82 11.26 -14.43 -19.04
C GLU B 82 10.86 -14.84 -17.62
N ASP B 83 11.83 -15.02 -16.75
CA ASP B 83 11.55 -15.43 -15.39
C ASP B 83 11.16 -14.25 -14.50
N GLU B 84 11.31 -13.03 -15.00
CA GLU B 84 10.81 -11.86 -14.26
C GLU B 84 9.31 -11.93 -14.10
N ALA B 85 8.88 -12.06 -12.84
CA ALA B 85 7.47 -12.30 -12.54
C ALA B 85 7.29 -12.25 -11.04
N ASP B 86 6.04 -12.35 -10.61
CA ASP B 86 5.71 -12.57 -9.22
C ASP B 86 5.51 -14.05 -8.99
N TYR B 87 5.99 -14.54 -7.85
CA TYR B 87 5.89 -15.95 -7.51
C TYR B 87 5.18 -16.08 -6.18
N TYR B 88 4.16 -16.94 -6.15
N TYR B 88 4.20 -16.97 -6.13
CA TYR B 88 3.38 -17.20 -4.94
CA TYR B 88 3.40 -17.19 -4.93
C TYR B 88 3.49 -18.66 -4.57
C TYR B 88 3.55 -18.59 -4.38
N CYS B 89 3.60 -18.92 -3.27
N CYS B 89 3.51 -18.70 -3.06
CA CYS B 89 3.42 -20.26 -2.75
CA CYS B 89 3.48 -19.99 -2.38
C CYS B 89 2.02 -20.40 -2.16
C CYS B 89 2.03 -20.26 -1.98
N ALA B 90 1.53 -21.62 -2.06
N ALA B 90 1.68 -21.52 -1.82
CA ALA B 90 0.22 -21.87 -1.46
CA ALA B 90 0.32 -21.86 -1.41
C ALA B 90 0.20 -23.25 -0.84
C ALA B 90 0.26 -23.25 -0.78
N ALA B 91 -0.66 -23.42 0.16
CA ALA B 91 -0.85 -24.70 0.82
C ALA B 91 -2.21 -24.74 1.46
N TRP B 92 -2.78 -25.93 1.52
CA TRP B 92 -4.00 -26.16 2.28
C TRP B 92 -3.65 -26.18 3.76
N ASP B 93 -4.59 -25.71 4.57
CA ASP B 93 -4.42 -25.63 6.01
C ASP B 93 -5.65 -26.31 6.65
N ASP B 94 -5.40 -27.36 7.44
CA ASP B 94 -6.50 -28.11 8.03
C ASP B 94 -7.04 -27.50 9.32
N SER B 95 -6.42 -26.43 9.80
CA SER B 95 -6.89 -25.82 11.05
C SER B 95 -8.22 -25.12 10.86
N LEU B 96 -8.87 -24.79 11.97
CA LEU B 96 -10.21 -24.21 11.93
C LEU B 96 -11.11 -25.14 11.10
N ASN B 97 -11.80 -24.60 10.10
CA ASN B 97 -12.67 -25.44 9.29
C ASN B 97 -12.00 -25.91 7.99
N GLY B 98 -10.74 -25.55 7.82
CA GLY B 98 -10.01 -25.83 6.60
C GLY B 98 -10.04 -24.65 5.65
N PHE B 99 -8.88 -24.27 5.11
CA PHE B 99 -8.82 -23.15 4.19
C PHE B 99 -7.52 -23.20 3.41
N TRP B 100 -7.50 -22.59 2.23
CA TRP B 100 -6.26 -22.42 1.48
C TRP B 100 -5.59 -21.15 1.92
N VAL B 101 -4.26 -21.14 1.86
CA VAL B 101 -3.52 -19.92 2.11
C VAL B 101 -2.49 -19.72 1.00
N PHE B 102 -2.45 -18.47 0.50
CA PHE B 102 -1.40 -18.03 -0.40
C PHE B 102 -0.43 -17.15 0.37
N GLY B 103 0.85 -17.27 0.04
CA GLY B 103 1.83 -16.30 0.51
C GLY B 103 1.62 -14.94 -0.13
N GLY B 104 2.39 -13.96 0.33
CA GLY B 104 2.22 -12.59 -0.12
C GLY B 104 2.84 -12.30 -1.48
N GLY B 105 3.59 -13.25 -2.02
CA GLY B 105 4.21 -13.09 -3.32
C GLY B 105 5.61 -12.51 -3.25
N THR B 106 6.44 -12.92 -4.21
CA THR B 106 7.80 -12.41 -4.31
C THR B 106 7.96 -11.90 -5.73
N LYS B 107 8.31 -10.63 -5.87
CA LYS B 107 8.60 -10.03 -7.18
C LYS B 107 10.07 -10.29 -7.52
N LEU B 108 10.30 -11.05 -8.58
CA LEU B 108 11.66 -11.41 -8.99
C LEU B 108 12.09 -10.53 -10.16
N THR B 109 13.20 -9.82 -9.95
CA THR B 109 13.83 -9.03 -11.00
C THR B 109 15.07 -9.76 -11.49
N VAL B 110 15.25 -9.82 -12.81
CA VAL B 110 16.48 -10.36 -13.39
C VAL B 110 17.33 -9.17 -13.79
N LEU B 111 18.25 -8.81 -12.91
CA LEU B 111 19.14 -7.69 -13.12
C LEU B 111 20.26 -8.08 -14.09
N GLY B 112 21.00 -7.07 -14.57
CA GLY B 112 22.14 -7.33 -15.40
C GLY B 112 21.80 -7.77 -16.82
N GLN B 113 20.59 -7.46 -17.24
CA GLN B 113 20.17 -7.74 -18.61
C GLN B 113 20.57 -6.57 -19.49
N PRO B 114 20.68 -6.82 -20.81
CA PRO B 114 20.92 -5.73 -21.76
C PRO B 114 19.78 -4.71 -21.70
N LYS B 115 20.10 -3.43 -21.78
CA LYS B 115 19.07 -2.41 -21.85
C LYS B 115 18.35 -2.48 -23.19
N ALA B 116 17.07 -2.16 -23.16
CA ALA B 116 16.28 -2.00 -24.37
C ALA B 116 15.72 -0.58 -24.34
N ALA B 117 16.07 0.21 -25.35
CA ALA B 117 15.62 1.59 -25.41
C ALA B 117 14.18 1.68 -25.89
N PRO B 118 13.45 2.66 -25.39
CA PRO B 118 12.04 2.75 -25.77
C PRO B 118 11.79 3.20 -27.21
N SER B 119 10.77 2.61 -27.81
CA SER B 119 10.18 3.13 -29.03
CA SER B 119 10.18 3.14 -29.04
C SER B 119 9.13 4.15 -28.62
N VAL B 120 9.15 5.32 -29.23
CA VAL B 120 8.23 6.40 -28.86
C VAL B 120 7.43 6.84 -30.07
N THR B 121 6.12 6.85 -29.93
CA THR B 121 5.24 7.39 -30.96
C THR B 121 4.39 8.51 -30.37
N LEU B 122 4.32 9.63 -31.07
CA LEU B 122 3.55 10.77 -30.58
C LEU B 122 2.48 11.13 -31.62
N PHE B 123 1.23 11.17 -31.16
CA PHE B 123 0.13 11.62 -32.02
C PHE B 123 -0.42 12.97 -31.56
N PRO B 124 -0.79 13.82 -32.53
CA PRO B 124 -1.49 15.06 -32.24
C PRO B 124 -2.98 14.77 -32.04
N PRO B 125 -3.73 15.77 -31.57
CA PRO B 125 -5.19 15.57 -31.56
C PRO B 125 -5.72 15.31 -32.95
N SER B 126 -6.71 14.43 -33.05
CA SER B 126 -7.39 14.18 -34.30
C SER B 126 -8.32 15.35 -34.64
N SER B 127 -8.60 15.53 -35.92
CA SER B 127 -9.56 16.56 -36.32
C SER B 127 -10.92 16.30 -35.66
N GLU B 128 -11.29 15.04 -35.52
CA GLU B 128 -12.57 14.70 -34.91
C GLU B 128 -12.63 15.14 -33.46
N GLU B 129 -11.53 14.98 -32.72
CA GLU B 129 -11.53 15.37 -31.33
C GLU B 129 -11.59 16.90 -31.19
N LEU B 130 -10.86 17.60 -32.06
CA LEU B 130 -10.88 19.04 -32.06
C LEU B 130 -12.30 19.55 -32.32
N GLN B 131 -13.01 18.87 -33.21
CA GLN B 131 -14.40 19.20 -33.50
C GLN B 131 -15.30 18.97 -32.27
N ALA B 132 -14.86 18.10 -31.37
CA ALA B 132 -15.58 17.88 -30.12
C ALA B 132 -15.05 18.77 -29.00
N ASN B 133 -14.30 19.81 -29.37
CA ASN B 133 -13.83 20.83 -28.43
C ASN B 133 -12.84 20.29 -27.38
N LYS B 134 -12.06 19.29 -27.77
CA LYS B 134 -11.03 18.74 -26.92
C LYS B 134 -9.76 18.51 -27.73
N ALA B 135 -8.65 18.36 -27.03
CA ALA B 135 -7.38 18.12 -27.69
C ALA B 135 -6.51 17.24 -26.78
N THR B 136 -6.14 16.07 -27.27
CA THR B 136 -5.32 15.15 -26.50
C THR B 136 -4.10 14.80 -27.35
N LEU B 137 -2.91 15.06 -26.81
CA LEU B 137 -1.68 14.54 -27.40
C LEU B 137 -1.35 13.22 -26.71
N VAL B 138 -0.95 12.23 -27.49
CA VAL B 138 -0.78 10.87 -26.99
C VAL B 138 0.63 10.41 -27.28
N CYS B 139 1.39 10.12 -26.23
CA CYS B 139 2.76 9.68 -26.34
C CYS B 139 2.83 8.22 -25.87
N LEU B 140 3.13 7.31 -26.79
CA LEU B 140 3.13 5.89 -26.50
C LEU B 140 4.57 5.38 -26.46
N ILE B 141 4.89 4.65 -25.42
CA ILE B 141 6.27 4.31 -25.11
C ILE B 141 6.32 2.80 -24.89
N SER B 142 7.10 2.09 -25.71
CA SER B 142 7.09 0.63 -25.65
C SER B 142 8.46 0.01 -25.81
N ASP B 143 8.52 -1.30 -25.57
CA ASP B 143 9.71 -2.10 -25.79
C ASP B 143 10.94 -1.69 -24.95
N PHE B 144 10.73 -1.12 -23.78
CA PHE B 144 11.86 -0.70 -22.96
C PHE B 144 12.14 -1.63 -21.78
N TYR B 145 13.41 -1.70 -21.41
CA TYR B 145 13.85 -2.43 -20.24
C TYR B 145 15.15 -1.81 -19.76
N PRO B 146 15.29 -1.58 -18.44
CA PRO B 146 14.34 -1.90 -17.36
C PRO B 146 13.08 -1.05 -17.41
N GLY B 147 12.12 -1.40 -16.56
CA GLY B 147 10.78 -0.85 -16.64
C GLY B 147 10.59 0.42 -15.86
N ALA B 148 11.31 1.47 -16.27
CA ALA B 148 11.11 2.79 -15.69
C ALA B 148 11.47 3.85 -16.70
N VAL B 149 10.57 4.80 -16.90
CA VAL B 149 10.87 5.99 -17.70
C VAL B 149 10.33 7.22 -16.99
N THR B 150 10.85 8.38 -17.36
CA THR B 150 10.23 9.63 -16.99
C THR B 150 9.93 10.41 -18.27
N VAL B 151 8.83 11.14 -18.26
CA VAL B 151 8.38 11.84 -19.45
C VAL B 151 8.31 13.33 -19.13
N ALA B 152 8.76 14.15 -20.06
CA ALA B 152 8.63 15.59 -19.95
C ALA B 152 8.02 16.10 -21.25
N TRP B 153 7.15 17.08 -21.15
CA TRP B 153 6.55 17.67 -22.33
C TRP B 153 7.00 19.11 -22.52
N LYS B 154 7.15 19.51 -23.78
CA LYS B 154 7.47 20.90 -24.13
C LYS B 154 6.40 21.47 -25.05
N ALA B 155 6.09 22.76 -24.85
CA ALA B 155 5.29 23.54 -25.78
C ALA B 155 6.22 24.54 -26.44
N ASP B 156 6.41 24.38 -27.75
CA ASP B 156 7.51 25.04 -28.43
C ASP B 156 8.80 24.58 -27.72
N SER B 157 9.53 25.47 -27.07
CA SER B 157 10.74 25.08 -26.36
CA SER B 157 10.73 25.04 -26.36
C SER B 157 10.59 25.22 -24.85
N SER B 158 9.38 25.51 -24.39
CA SER B 158 9.14 25.77 -22.98
C SER B 158 8.49 24.58 -22.30
N PRO B 159 8.83 24.35 -21.03
CA PRO B 159 8.22 23.23 -20.30
C PRO B 159 6.72 23.39 -20.14
N VAL B 160 6.00 22.29 -20.30
CA VAL B 160 4.57 22.27 -20.03
C VAL B 160 4.36 22.10 -18.54
N LYS B 161 3.44 22.89 -17.99
CA LYS B 161 3.28 22.98 -16.54
C LYS B 161 2.05 22.28 -15.99
N ALA B 162 1.16 21.83 -16.87
CA ALA B 162 -0.07 21.18 -16.43
C ALA B 162 -0.70 20.36 -17.55
N GLY B 163 -1.62 19.46 -17.19
CA GLY B 163 -2.39 18.70 -18.16
C GLY B 163 -1.85 17.33 -18.53
N VAL B 164 -0.79 16.88 -17.86
CA VAL B 164 -0.15 15.62 -18.21
C VAL B 164 -0.57 14.49 -17.24
N GLU B 165 -0.95 13.35 -17.81
CA GLU B 165 -1.20 12.14 -17.02
C GLU B 165 -0.41 10.99 -17.66
N THR B 166 0.37 10.29 -16.85
CA THR B 166 1.27 9.26 -17.36
C THR B 166 1.02 7.98 -16.59
N THR B 167 0.96 6.86 -17.31
CA THR B 167 0.71 5.58 -16.66
C THR B 167 1.99 5.04 -16.04
N THR B 168 1.80 4.13 -15.10
CA THR B 168 2.90 3.31 -14.60
C THR B 168 3.35 2.35 -15.69
N PRO B 169 4.64 2.01 -15.71
CA PRO B 169 5.04 1.01 -16.71
CA PRO B 169 5.11 1.01 -16.67
C PRO B 169 4.46 -0.35 -16.41
N SER B 170 4.18 -1.10 -17.45
CA SER B 170 3.57 -2.42 -17.33
C SER B 170 4.28 -3.39 -18.25
N LYS B 171 4.39 -4.63 -17.80
CA LYS B 171 5.06 -5.64 -18.62
C LYS B 171 4.22 -5.96 -19.85
N GLN B 172 4.92 -6.05 -20.97
CA GLN B 172 4.38 -6.50 -22.24
C GLN B 172 4.58 -8.01 -22.32
N SER B 173 3.99 -8.63 -23.34
CA SER B 173 4.09 -10.07 -23.49
C SER B 173 5.52 -10.52 -23.82
N ASN B 174 6.35 -9.61 -24.31
CA ASN B 174 7.73 -9.94 -24.65
C ASN B 174 8.72 -9.63 -23.52
N ASN B 175 8.19 -9.37 -22.33
CA ASN B 175 9.00 -9.15 -21.14
C ASN B 175 9.71 -7.80 -21.10
N LYS B 176 9.42 -6.93 -22.08
CA LYS B 176 9.81 -5.53 -22.01
C LYS B 176 8.61 -4.76 -21.46
N TYR B 177 8.73 -3.43 -21.31
CA TYR B 177 7.72 -2.64 -20.64
C TYR B 177 7.12 -1.61 -21.59
N ALA B 178 5.91 -1.16 -21.24
CA ALA B 178 5.20 -0.14 -21.98
C ALA B 178 4.61 0.89 -21.02
N ALA B 179 4.40 2.09 -21.52
CA ALA B 179 3.75 3.14 -20.77
C ALA B 179 3.20 4.16 -21.74
N SER B 180 2.31 5.03 -21.27
CA SER B 180 1.79 6.07 -22.14
C SER B 180 1.60 7.34 -21.33
N SER B 181 1.73 8.47 -22.01
CA SER B 181 1.57 9.77 -21.39
C SER B 181 0.62 10.59 -22.27
N TYR B 182 -0.34 11.25 -21.63
CA TYR B 182 -1.35 12.02 -22.31
C TYR B 182 -1.27 13.47 -21.85
N LEU B 183 -1.25 14.38 -22.82
CA LEU B 183 -1.34 15.81 -22.54
C LEU B 183 -2.69 16.34 -23.03
N SER B 184 -3.51 16.79 -22.08
CA SER B 184 -4.83 17.34 -22.40
C SER B 184 -4.74 18.86 -22.51
N LEU B 185 -5.22 19.38 -23.64
CA LEU B 185 -5.27 20.81 -23.87
C LEU B 185 -6.64 21.21 -24.39
N THR B 186 -6.96 22.50 -24.32
CA THR B 186 -8.08 23.01 -25.06
C THR B 186 -7.62 23.18 -26.50
N PRO B 187 -8.54 23.15 -27.44
CA PRO B 187 -8.17 23.40 -28.84
C PRO B 187 -7.42 24.73 -29.00
N GLU B 188 -7.78 25.73 -28.19
CA GLU B 188 -7.15 27.03 -28.24
C GLU B 188 -5.69 26.97 -27.76
N GLN B 189 -5.43 26.15 -26.73
CA GLN B 189 -4.07 25.97 -26.25
C GLN B 189 -3.23 25.24 -27.28
N TRP B 190 -3.82 24.22 -27.89
CA TRP B 190 -3.14 23.44 -28.92
C TRP B 190 -2.66 24.34 -30.06
N LYS B 191 -3.51 25.27 -30.48
CA LYS B 191 -3.19 26.16 -31.61
C LYS B 191 -2.33 27.35 -31.20
N SER B 192 -2.00 27.45 -29.92
CA SER B 192 -1.25 28.60 -29.42
C SER B 192 0.27 28.38 -29.47
N HIS B 193 0.70 27.22 -29.94
CA HIS B 193 2.12 26.94 -30.13
C HIS B 193 2.35 26.31 -31.52
N LYS B 194 3.59 26.34 -32.00
CA LYS B 194 3.90 25.81 -33.32
C LYS B 194 4.34 24.35 -33.29
N SER B 195 4.73 23.87 -32.12
CA SER B 195 5.02 22.45 -31.91
C SER B 195 4.89 22.06 -30.44
N TYR B 196 4.74 20.77 -30.21
CA TYR B 196 4.80 20.17 -28.88
C TYR B 196 5.69 18.94 -28.97
N SER B 197 6.39 18.64 -27.88
CA SER B 197 7.30 17.52 -27.84
C SER B 197 7.10 16.67 -26.59
N CYS B 198 7.24 15.37 -26.78
N CYS B 198 7.22 15.36 -26.74
CA CYS B 198 7.29 14.41 -25.70
CA CYS B 198 7.25 14.46 -25.58
C CYS B 198 8.72 13.94 -25.64
C CYS B 198 8.61 13.76 -25.51
N GLN B 199 9.36 14.11 -24.48
CA GLN B 199 10.74 13.69 -24.28
C GLN B 199 10.76 12.58 -23.25
N VAL B 200 11.29 11.43 -23.63
CA VAL B 200 11.25 10.27 -22.79
C VAL B 200 12.67 9.93 -22.35
N THR B 201 12.87 9.88 -21.04
CA THR B 201 14.18 9.56 -20.49
C THR B 201 14.14 8.16 -19.92
N HIS B 202 15.08 7.33 -20.36
CA HIS B 202 15.18 5.96 -19.91
C HIS B 202 16.65 5.69 -19.57
N GLU B 203 16.91 5.38 -18.31
CA GLU B 203 18.26 5.07 -17.85
C GLU B 203 19.25 6.12 -18.34
N GLY B 204 18.84 7.38 -18.20
CA GLY B 204 19.71 8.51 -18.48
C GLY B 204 19.75 8.95 -19.92
N SER B 205 19.04 8.23 -20.79
CA SER B 205 19.02 8.53 -22.21
C SER B 205 17.67 9.14 -22.59
N THR B 206 17.72 10.31 -23.19
CA THR B 206 16.52 11.06 -23.51
C THR B 206 16.35 11.16 -25.01
N VAL B 207 15.19 10.71 -25.49
CA VAL B 207 14.81 10.89 -26.89
C VAL B 207 13.52 11.66 -26.93
N GLU B 208 13.11 12.10 -28.11
CA GLU B 208 11.88 12.88 -28.17
C GLU B 208 11.21 12.78 -29.53
N LYS B 209 9.91 12.99 -29.52
CA LYS B 209 9.13 13.11 -30.74
C LYS B 209 8.42 14.44 -30.66
N THR B 210 8.13 15.02 -31.81
CA THR B 210 7.50 16.32 -31.89
C THR B 210 6.36 16.27 -32.89
N VAL B 211 5.30 17.01 -32.59
CA VAL B 211 4.19 17.20 -33.52
C VAL B 211 3.85 18.68 -33.60
N ALA B 212 3.22 19.09 -34.70
CA ALA B 212 2.95 20.49 -34.95
C ALA B 212 1.49 20.67 -35.36
N PRO B 213 0.80 21.65 -34.76
CA PRO B 213 -0.56 21.91 -35.22
C PRO B 213 -0.58 22.30 -36.67
N THR B 214 -1.64 21.91 -37.37
CA THR B 214 -1.86 22.34 -38.73
C THR B 214 -3.24 22.99 -38.82
N GLU B 215 -3.37 23.90 -39.76
CA GLU B 215 -4.61 24.61 -39.95
C GLU B 215 -4.90 24.67 -41.44
N CYS B 216 -6.09 24.23 -41.84
CA CYS B 216 -6.50 24.33 -43.24
C CYS B 216 -7.85 25.02 -43.30
N SER B 217 -7.83 26.34 -43.51
CA SER B 217 -9.08 27.11 -43.61
C SER B 217 -9.58 27.17 -45.05
N ASN C 3 13.37 6.33 -1.34
CA ASN C 3 12.95 6.50 0.05
C ASN C 3 13.85 7.48 0.81
N LEU C 4 13.29 8.07 1.86
CA LEU C 4 14.02 8.97 2.74
C LEU C 4 14.11 8.35 4.12
N ARG C 5 15.18 8.63 4.86
CA ARG C 5 15.25 8.22 6.26
C ARG C 5 16.13 9.15 7.07
N GLU C 6 15.60 9.54 8.23
CA GLU C 6 16.31 10.39 9.18
C GLU C 6 17.18 9.55 10.12
N SER C 7 18.29 10.13 10.54
CA SER C 7 19.17 9.47 11.50
C SER C 7 19.90 10.53 12.33
N GLY C 8 20.36 10.12 13.51
CA GLY C 8 21.02 11.03 14.42
C GLY C 8 20.75 10.62 15.85
N PRO C 9 21.31 11.36 16.80
CA PRO C 9 21.18 11.00 18.22
C PRO C 9 19.73 11.07 18.69
N ALA C 10 19.35 10.16 19.57
CA ALA C 10 17.99 10.15 20.11
C ALA C 10 17.95 11.04 21.33
N LEU C 11 19.11 11.42 21.84
CA LEU C 11 19.21 12.16 23.09
C LEU C 11 20.25 13.27 23.00
N VAL C 12 19.86 14.48 23.39
CA VAL C 12 20.75 15.64 23.40
CA VAL C 12 20.79 15.60 23.43
C VAL C 12 20.58 16.39 24.71
N LYS C 13 21.68 16.85 25.31
CA LYS C 13 21.60 17.61 26.54
C LYS C 13 21.24 19.07 26.28
N PRO C 14 20.55 19.70 27.23
CA PRO C 14 20.20 21.12 27.07
C PRO C 14 21.44 21.96 26.79
N THR C 15 21.30 22.91 25.87
CA THR C 15 22.35 23.83 25.40
C THR C 15 23.29 23.22 24.36
N GLN C 16 23.25 21.91 24.18
CA GLN C 16 24.08 21.24 23.18
C GLN C 16 23.47 21.32 21.79
N THR C 17 24.19 20.78 20.82
CA THR C 17 23.80 20.87 19.41
C THR C 17 23.34 19.52 18.86
N LEU C 18 22.22 19.55 18.13
CA LEU C 18 21.63 18.39 17.48
C LEU C 18 22.00 18.40 16.00
N THR C 19 22.50 17.29 15.50
CA THR C 19 22.73 17.13 14.07
C THR C 19 22.00 15.89 13.56
N LEU C 20 21.07 16.11 12.64
CA LEU C 20 20.29 15.04 12.03
C LEU C 20 20.61 14.98 10.55
N THR C 21 20.61 13.77 10.02
CA THR C 21 20.92 13.54 8.63
C THR C 21 19.76 12.85 7.94
N CYS C 22 19.42 13.36 6.76
CA CYS C 22 18.39 12.75 5.93
C CYS C 22 19.09 12.08 4.76
N SER C 23 18.90 10.78 4.63
CA SER C 23 19.54 10.01 3.57
C SER C 23 18.49 9.50 2.59
N PHE C 24 18.73 9.65 1.30
CA PHE C 24 17.84 9.03 0.32
C PHE C 24 18.57 8.14 -0.68
N SER C 25 17.79 7.27 -1.33
CA SER C 25 18.33 6.33 -2.31
C SER C 25 17.23 5.89 -3.28
N GLY C 33 14.01 19.09 -10.26
CA GLY C 33 13.82 20.26 -9.42
C GLY C 33 13.31 19.89 -8.04
N MET C 34 14.10 19.12 -7.32
CA MET C 34 13.72 18.63 -5.99
C MET C 34 14.21 19.54 -4.86
N SER C 35 13.51 19.53 -3.75
CA SER C 35 13.99 20.18 -2.53
C SER C 35 13.72 19.25 -1.36
N VAL C 36 14.40 19.51 -0.25
CA VAL C 36 14.23 18.70 0.96
C VAL C 36 14.01 19.62 2.15
N SER C 37 13.04 19.27 2.97
CA SER C 37 12.67 20.07 4.13
C SER C 37 12.78 19.24 5.39
N TRP C 38 13.03 19.93 6.50
CA TRP C 38 12.89 19.35 7.83
C TRP C 38 11.68 19.96 8.49
N ILE C 39 10.89 19.11 9.15
CA ILE C 39 9.64 19.48 9.79
C ILE C 39 9.61 18.72 11.09
N ARG C 40 9.24 19.35 12.19
CA ARG C 40 9.17 18.62 13.44
C ARG C 40 7.78 18.64 14.04
N GLN C 41 7.58 17.78 15.04
CA GLN C 41 6.28 17.66 15.66
C GLN C 41 6.46 17.24 17.11
N PRO C 42 6.31 18.20 18.05
CA PRO C 42 6.32 17.81 19.45
C PRO C 42 5.16 16.84 19.71
N PRO C 43 5.27 16.01 20.74
CA PRO C 43 4.22 15.04 21.02
C PRO C 43 2.84 15.69 21.16
N GLY C 44 1.87 15.22 20.38
CA GLY C 44 0.50 15.70 20.48
C GLY C 44 0.29 17.10 19.95
N LYS C 45 1.26 17.64 19.23
CA LYS C 45 1.15 18.98 18.71
C LYS C 45 1.25 18.99 17.19
N ALA C 46 1.18 20.19 16.62
CA ALA C 46 1.13 20.36 15.18
C ALA C 46 2.50 20.21 14.52
N LEU C 47 2.47 19.90 13.22
CA LEU C 47 3.66 19.95 12.38
C LEU C 47 4.18 21.38 12.34
N GLU C 48 5.51 21.51 12.38
CA GLU C 48 6.17 22.80 12.33
C GLU C 48 7.32 22.71 11.34
N TRP C 49 7.23 23.47 10.25
CA TRP C 49 8.29 23.47 9.25
C TRP C 49 9.48 24.26 9.77
N LEU C 50 10.67 23.74 9.52
CA LEU C 50 11.92 24.32 10.05
C LEU C 50 12.80 24.93 8.98
N ALA C 51 13.00 24.20 7.88
CA ALA C 51 13.98 24.60 6.88
C ALA C 51 13.78 23.83 5.58
N LEU C 52 14.26 24.40 4.48
CA LEU C 52 14.17 23.76 3.18
C LEU C 52 15.47 24.08 2.44
N ILE C 53 15.96 23.10 1.69
CA ILE C 53 17.13 23.32 0.85
C ILE C 53 16.84 22.81 -0.56
N ASP C 54 17.21 23.61 -1.56
CA ASP C 54 17.04 23.22 -2.94
C ASP C 54 18.20 22.30 -3.32
N TRP C 55 17.91 21.27 -4.11
CA TRP C 55 18.91 20.26 -4.44
C TRP C 55 19.84 20.71 -5.57
N ASP C 56 19.27 21.30 -6.61
CA ASP C 56 20.07 21.71 -7.76
C ASP C 56 20.57 23.15 -7.62
N ASP C 57 19.73 24.01 -7.06
CA ASP C 57 20.11 25.41 -6.82
C ASP C 57 20.82 25.55 -5.47
N ASP C 58 21.32 26.74 -5.17
CA ASP C 58 22.16 26.95 -3.99
C ASP C 58 21.39 27.55 -2.81
N THR C 59 20.11 27.83 -3.04
CA THR C 59 19.32 28.54 -2.05
C THR C 59 18.80 27.63 -0.95
N TYR C 60 18.61 28.23 0.23
CA TYR C 60 17.92 27.58 1.32
C TYR C 60 17.01 28.58 2.04
N TYR C 61 16.14 28.01 2.87
CA TYR C 61 15.13 28.75 3.59
C TYR C 61 15.04 28.23 5.03
N ILE C 62 14.83 29.15 5.97
CA ILE C 62 14.69 28.84 7.38
C ILE C 62 13.46 29.55 7.92
N THR C 63 12.78 28.94 8.88
CA THR C 63 11.65 29.59 9.54
C THR C 63 12.06 30.92 10.17
N TYR C 64 11.10 31.82 10.27
CA TYR C 64 11.34 33.11 10.90
C TYR C 64 10.92 33.12 12.37
N SER C 65 10.43 31.99 12.88
CA SER C 65 10.03 31.91 14.28
C SER C 65 11.18 32.35 15.20
N SER C 66 10.92 33.30 16.10
CA SER C 66 11.98 33.92 16.87
C SER C 66 12.76 32.92 17.73
N SER C 67 12.08 31.87 18.20
CA SER C 67 12.73 30.89 19.06
C SER C 67 13.60 29.90 18.28
N LEU C 68 13.56 29.97 16.95
CA LEU C 68 14.27 29.02 16.11
C LEU C 68 15.23 29.66 15.10
N LYS C 69 14.96 30.89 14.72
CA LYS C 69 15.51 31.47 13.50
C LYS C 69 17.03 31.66 13.51
N THR C 70 17.64 31.71 14.70
CA THR C 70 19.09 31.86 14.80
C THR C 70 19.79 30.54 15.16
N ARG C 71 19.00 29.49 15.38
CA ARG C 71 19.54 28.21 15.83
C ARG C 71 19.64 27.12 14.75
N LEU C 72 19.15 27.40 13.54
CA LEU C 72 19.01 26.38 12.50
C LEU C 72 19.95 26.57 11.31
N THR C 73 20.61 25.49 10.93
CA THR C 73 21.40 25.41 9.72
C THR C 73 20.92 24.20 8.92
N ILE C 74 20.86 24.34 7.60
CA ILE C 74 20.59 23.23 6.71
C ILE C 74 21.68 23.18 5.65
N SER C 75 22.15 21.98 5.34
CA SER C 75 23.21 21.81 4.36
C SER C 75 22.98 20.54 3.56
N LYS C 76 23.71 20.38 2.46
CA LYS C 76 23.60 19.17 1.68
C LYS C 76 24.95 18.64 1.24
N ASP C 77 25.02 17.32 1.14
CA ASP C 77 26.16 16.63 0.56
C ASP C 77 25.64 15.83 -0.63
N THR C 78 25.72 16.41 -1.81
CA THR C 78 25.07 15.85 -2.99
C THR C 78 25.74 14.55 -3.42
N SER C 79 27.01 14.39 -3.07
CA SER C 79 27.75 13.19 -3.44
C SER C 79 27.30 11.98 -2.63
N LYS C 80 26.77 12.23 -1.44
CA LYS C 80 26.28 11.15 -0.58
C LYS C 80 24.76 11.15 -0.49
N SER C 81 24.12 11.99 -1.30
CA SER C 81 22.67 12.09 -1.31
C SER C 81 22.12 12.30 0.09
N GLN C 82 22.66 13.28 0.80
CA GLN C 82 22.25 13.55 2.17
C GLN C 82 21.98 15.02 2.41
N VAL C 83 21.02 15.29 3.29
CA VAL C 83 20.74 16.64 3.77
C VAL C 83 20.89 16.64 5.27
N VAL C 84 21.54 17.66 5.81
CA VAL C 84 21.81 17.74 7.23
C VAL C 84 21.15 18.96 7.87
N LEU C 85 20.52 18.73 9.01
CA LEU C 85 19.98 19.78 9.85
C LEU C 85 20.85 19.90 11.09
N THR C 86 21.31 21.10 11.40
CA THR C 86 22.04 21.36 12.63
C THR C 86 21.27 22.39 13.43
N MET C 87 21.02 22.07 14.69
CA MET C 87 20.20 22.91 15.54
C MET C 87 20.93 23.14 16.86
N THR C 88 21.25 24.38 17.16
CA THR C 88 22.04 24.70 18.34
C THR C 88 21.19 25.04 19.56
N ASN C 89 21.84 25.08 20.72
CA ASN C 89 21.22 25.48 21.98
C ASN C 89 19.88 24.78 22.23
N MET C 90 19.90 23.45 22.22
CA MET C 90 18.67 22.68 22.38
C MET C 90 18.05 22.89 23.76
N ASP C 91 16.73 22.90 23.79
CA ASP C 91 15.98 23.10 25.02
C ASP C 91 14.99 21.96 25.12
N PRO C 92 14.58 21.61 26.33
CA PRO C 92 13.59 20.53 26.48
C PRO C 92 12.33 20.71 25.62
N VAL C 93 11.96 21.95 25.31
CA VAL C 93 10.78 22.21 24.49
C VAL C 93 11.00 21.79 23.03
N ASP C 94 12.23 21.47 22.67
CA ASP C 94 12.59 21.01 21.34
C ASP C 94 12.43 19.50 21.18
N THR C 95 12.06 18.82 22.27
CA THR C 95 11.77 17.39 22.22
C THR C 95 10.62 17.18 21.23
N ALA C 96 10.87 16.37 20.22
CA ALA C 96 9.91 16.20 19.14
C ALA C 96 10.34 15.10 18.20
N THR C 97 9.42 14.68 17.35
CA THR C 97 9.79 13.87 16.20
C THR C 97 10.18 14.80 15.05
N TYR C 98 11.35 14.56 14.48
CA TYR C 98 11.87 15.33 13.37
C TYR C 98 11.79 14.53 12.09
N TYR C 99 11.13 15.10 11.08
CA TYR C 99 10.92 14.46 9.79
C TYR C 99 11.68 15.18 8.70
N CYS C 100 12.21 14.45 7.74
CA CYS C 100 12.59 15.06 6.46
C CYS C 100 11.56 14.68 5.42
N ALA C 101 11.36 15.57 4.45
CA ALA C 101 10.33 15.39 3.45
C ALA C 101 10.81 15.98 2.13
N ARG C 102 10.53 15.27 1.05
CA ARG C 102 10.88 15.72 -0.29
C ARG C 102 9.76 16.54 -0.91
N THR C 103 10.15 17.53 -1.71
CA THR C 103 9.23 18.21 -2.60
C THR C 103 9.67 17.92 -4.03
N LEU C 104 8.72 17.46 -4.83
CA LEU C 104 9.02 16.90 -6.13
C LEU C 104 8.29 17.65 -7.24
N ARG C 105 9.05 18.08 -8.24
CA ARG C 105 8.48 18.78 -9.39
C ARG C 105 8.58 17.90 -10.64
N VAL C 106 7.42 17.46 -11.12
CA VAL C 106 7.35 16.64 -12.32
C VAL C 106 6.77 17.47 -13.46
N SER C 107 7.30 17.30 -14.65
CA SER C 107 6.84 18.05 -15.82
C SER C 107 5.36 17.79 -16.08
N GLY C 108 4.60 18.87 -16.29
CA GLY C 108 3.20 18.77 -16.65
C GLY C 108 2.27 18.61 -15.46
N ASP C 109 2.80 18.82 -14.26
CA ASP C 109 2.01 18.68 -13.03
C ASP C 109 2.34 19.80 -12.05
N TYR C 110 1.40 20.11 -11.16
CA TYR C 110 1.69 21.01 -10.05
C TYR C 110 2.80 20.41 -9.20
N VAL C 111 3.59 21.26 -8.56
CA VAL C 111 4.60 20.79 -7.62
C VAL C 111 3.91 20.02 -6.50
N ARG C 112 4.49 18.88 -6.13
CA ARG C 112 3.99 18.07 -5.02
C ARG C 112 4.83 18.32 -3.76
N ASP C 113 4.37 19.24 -2.94
CA ASP C 113 5.07 19.62 -1.73
C ASP C 113 4.97 18.53 -0.68
N PHE C 114 6.12 18.16 -0.11
CA PHE C 114 6.16 17.16 0.94
C PHE C 114 5.38 15.92 0.50
N ASP C 115 5.75 15.41 -0.68
CA ASP C 115 5.07 14.24 -1.24
C ASP C 115 5.60 12.94 -0.66
N LEU C 116 6.81 12.99 -0.11
CA LEU C 116 7.42 11.80 0.46
C LEU C 116 8.06 12.18 1.79
N TRP C 117 7.72 11.44 2.84
CA TRP C 117 8.23 11.72 4.18
C TRP C 117 9.06 10.56 4.69
N GLY C 118 10.04 10.87 5.52
CA GLY C 118 10.74 9.85 6.29
C GLY C 118 9.84 9.35 7.41
N ARG C 119 10.24 8.26 8.05
CA ARG C 119 9.47 7.71 9.15
C ARG C 119 9.52 8.61 10.38
N GLY C 120 10.51 9.50 10.40
CA GLY C 120 10.71 10.41 11.51
C GLY C 120 11.70 9.83 12.50
N THR C 121 12.40 10.72 13.19
CA THR C 121 13.31 10.30 14.24
C THR C 121 13.01 11.09 15.52
N LEU C 122 12.86 10.38 16.63
CA LEU C 122 12.55 11.01 17.91
C LEU C 122 13.81 11.58 18.55
N VAL C 123 13.70 12.82 19.01
CA VAL C 123 14.79 13.49 19.71
C VAL C 123 14.27 13.97 21.05
N THR C 124 14.96 13.55 22.11
CA THR C 124 14.62 13.93 23.46
C THR C 124 15.74 14.83 24.00
N VAL C 125 15.37 16.01 24.48
CA VAL C 125 16.36 16.91 25.09
C VAL C 125 16.26 16.77 26.61
N SER C 126 17.32 16.22 27.20
CA SER C 126 17.30 15.93 28.63
C SER C 126 18.72 15.82 29.15
N SER C 127 18.89 16.12 30.43
CA SER C 127 20.18 15.96 31.08
C SER C 127 20.35 14.55 31.63
N ALA C 128 19.27 13.77 31.61
CA ALA C 128 19.30 12.42 32.15
C ALA C 128 20.12 11.47 31.27
N SER C 129 20.79 10.52 31.90
CA SER C 129 21.62 9.55 31.20
C SER C 129 20.78 8.47 30.55
N THR C 130 21.32 7.88 29.49
CA THR C 130 20.66 6.78 28.81
CA THR C 130 20.67 6.78 28.80
C THR C 130 20.72 5.52 29.67
N LYS C 131 19.70 4.68 29.54
CA LYS C 131 19.61 3.43 30.28
C LYS C 131 18.97 2.38 29.38
N GLY C 132 19.64 1.24 29.22
CA GLY C 132 19.14 0.17 28.39
C GLY C 132 18.07 -0.63 29.11
N PRO C 133 17.25 -1.36 28.35
CA PRO C 133 16.15 -2.09 28.98
C PRO C 133 16.56 -3.44 29.56
N SER C 134 15.71 -3.92 30.46
CA SER C 134 15.75 -5.30 30.95
C SER C 134 14.53 -6.00 30.40
N VAL C 135 14.72 -7.17 29.80
CA VAL C 135 13.66 -7.85 29.09
C VAL C 135 13.26 -9.13 29.84
N PHE C 136 11.95 -9.32 29.98
CA PHE C 136 11.41 -10.49 30.66
C PHE C 136 10.38 -11.17 29.79
N PRO C 137 10.28 -12.48 29.89
CA PRO C 137 9.29 -13.19 29.07
C PRO C 137 7.90 -13.11 29.68
N LEU C 138 6.90 -12.96 28.82
CA LEU C 138 5.51 -13.11 29.22
C LEU C 138 5.01 -14.44 28.66
N ALA C 139 5.04 -15.48 29.49
CA ALA C 139 4.85 -16.83 29.01
C ALA C 139 3.39 -17.09 28.66
N PRO C 140 3.15 -17.95 27.65
CA PRO C 140 1.74 -18.27 27.36
C PRO C 140 1.18 -19.21 28.42
N SER C 141 -0.13 -19.22 28.58
CA SER C 141 -0.77 -20.13 29.52
C SER C 141 -1.85 -20.95 28.81
N GLY C 148 -8.43 -21.61 20.11
CA GLY C 148 -7.22 -22.41 20.02
C GLY C 148 -5.96 -21.57 19.87
N THR C 149 -5.97 -20.37 20.45
CA THR C 149 -4.79 -19.53 20.39
C THR C 149 -4.29 -19.20 21.79
N ALA C 150 -3.05 -18.74 21.87
CA ALA C 150 -2.43 -18.36 23.12
C ALA C 150 -1.70 -17.04 22.89
N ALA C 151 -1.67 -16.20 23.91
CA ALA C 151 -0.91 -14.97 23.86
C ALA C 151 0.38 -15.12 24.66
N LEU C 152 1.46 -14.63 24.07
CA LEU C 152 2.77 -14.64 24.72
C LEU C 152 3.46 -13.36 24.33
N GLY C 153 4.44 -12.93 25.11
CA GLY C 153 5.06 -11.67 24.77
C GLY C 153 6.36 -11.44 25.48
N CYS C 154 6.81 -10.18 25.42
N CYS C 154 6.82 -10.20 25.44
CA CYS C 154 7.98 -9.73 26.14
CA CYS C 154 7.97 -9.80 26.24
C CYS C 154 7.68 -8.41 26.84
C CYS C 154 7.80 -8.40 26.80
N LEU C 155 8.19 -8.28 28.06
CA LEU C 155 8.12 -7.05 28.81
C LEU C 155 9.48 -6.38 28.77
N VAL C 156 9.50 -5.16 28.26
CA VAL C 156 10.73 -4.40 28.08
C VAL C 156 10.71 -3.27 29.11
N LYS C 157 11.49 -3.43 30.18
CA LYS C 157 11.41 -2.58 31.36
C LYS C 157 12.54 -1.55 31.51
N ASP C 158 12.14 -0.38 31.98
CA ASP C 158 13.05 0.58 32.60
C ASP C 158 14.16 1.05 31.67
N TYR C 159 13.80 1.72 30.58
CA TYR C 159 14.78 2.25 29.66
C TYR C 159 14.56 3.72 29.43
N PHE C 160 15.57 4.37 28.89
CA PHE C 160 15.50 5.79 28.61
C PHE C 160 16.60 6.16 27.64
N PRO C 161 16.30 7.01 26.66
CA PRO C 161 15.00 7.55 26.29
C PRO C 161 14.27 6.61 25.34
N GLU C 162 13.12 7.04 24.84
CA GLU C 162 12.51 6.36 23.71
C GLU C 162 13.40 6.57 22.50
N PRO C 163 13.30 5.69 21.49
CA PRO C 163 12.38 4.56 21.38
C PRO C 163 13.05 3.21 21.56
N VAL C 164 12.22 2.20 21.75
CA VAL C 164 12.61 0.81 21.60
C VAL C 164 11.78 0.23 20.48
N THR C 165 12.38 -0.66 19.69
CA THR C 165 11.63 -1.46 18.73
C THR C 165 11.71 -2.94 19.10
N VAL C 166 10.68 -3.68 18.71
CA VAL C 166 10.63 -5.11 18.96
C VAL C 166 10.20 -5.84 17.69
N SER C 167 10.92 -6.90 17.36
CA SER C 167 10.50 -7.80 16.31
C SER C 167 10.42 -9.20 16.91
N TRP C 168 9.83 -10.13 16.17
CA TRP C 168 9.76 -11.52 16.61
C TRP C 168 10.38 -12.42 15.56
N ASN C 169 11.18 -13.38 16.01
CA ASN C 169 11.85 -14.30 15.11
C ASN C 169 12.56 -13.57 13.96
N SER C 170 13.28 -12.52 14.33
CA SER C 170 14.13 -11.77 13.41
C SER C 170 13.34 -11.08 12.30
N GLY C 171 12.08 -10.77 12.58
CA GLY C 171 11.25 -10.06 11.63
C GLY C 171 10.34 -10.97 10.82
N ALA C 172 10.60 -12.28 10.92
CA ALA C 172 9.84 -13.27 10.16
C ALA C 172 8.41 -13.46 10.69
N LEU C 173 8.18 -13.06 11.94
CA LEU C 173 6.87 -13.20 12.57
C LEU C 173 6.23 -11.85 12.80
N THR C 174 5.19 -11.54 12.03
CA THR C 174 4.50 -10.25 12.12
C THR C 174 3.01 -10.41 12.30
N SER C 175 2.45 -11.48 11.76
CA SER C 175 1.03 -11.76 11.89
C SER C 175 0.70 -12.01 13.35
N GLY C 176 -0.21 -11.21 13.89
CA GLY C 176 -0.68 -11.40 15.26
C GLY C 176 0.18 -10.68 16.29
N VAL C 177 1.19 -9.96 15.81
CA VAL C 177 2.07 -9.19 16.69
C VAL C 177 1.50 -7.82 17.03
N HIS C 178 1.56 -7.46 18.30
CA HIS C 178 1.12 -6.14 18.75
C HIS C 178 2.09 -5.60 19.79
N THR C 179 2.86 -4.60 19.37
CA THR C 179 3.77 -3.92 20.26
C THR C 179 3.09 -2.64 20.74
N PHE C 180 2.93 -2.52 22.06
CA PHE C 180 2.17 -1.45 22.66
C PHE C 180 3.04 -0.22 22.92
N PRO C 181 2.45 0.98 22.84
CA PRO C 181 3.19 2.19 23.21
C PRO C 181 3.66 2.12 24.66
N ALA C 182 4.81 2.72 24.93
CA ALA C 182 5.39 2.68 26.26
C ALA C 182 4.60 3.48 27.29
N VAL C 183 4.72 3.05 28.53
CA VAL C 183 4.28 3.85 29.66
C VAL C 183 5.47 4.63 30.23
N LEU C 184 5.22 5.87 30.61
CA LEU C 184 6.25 6.66 31.31
C LEU C 184 6.00 6.54 32.80
N GLN C 185 6.95 5.91 33.48
CA GLN C 185 6.84 5.62 34.91
C GLN C 185 7.14 6.80 35.81
N SER C 186 6.92 6.59 37.11
CA SER C 186 7.20 7.58 38.14
C SER C 186 8.66 7.54 38.58
N SER C 187 9.46 6.74 37.90
CA SER C 187 10.90 6.75 38.09
C SER C 187 11.50 7.63 37.00
N GLY C 188 10.71 7.92 35.98
CA GLY C 188 11.16 8.67 34.82
C GLY C 188 11.60 7.78 33.67
N LEU C 189 11.60 6.48 33.90
CA LEU C 189 11.95 5.52 32.85
C LEU C 189 10.70 5.02 32.13
N TYR C 190 10.90 4.44 30.95
CA TYR C 190 9.82 3.86 30.16
C TYR C 190 9.82 2.35 30.26
N SER C 191 8.63 1.76 30.13
CA SER C 191 8.49 0.33 29.89
C SER C 191 7.46 0.12 28.79
N LEU C 192 7.62 -0.95 28.01
CA LEU C 192 6.59 -1.37 27.07
C LEU C 192 6.47 -2.88 26.99
N SER C 193 5.43 -3.35 26.33
CA SER C 193 5.24 -4.77 26.08
C SER C 193 4.95 -5.06 24.61
N SER C 194 5.35 -6.23 24.14
CA SER C 194 5.00 -6.70 22.81
C SER C 194 4.42 -8.10 22.96
N VAL C 195 3.28 -8.35 22.33
CA VAL C 195 2.64 -9.64 22.45
C VAL C 195 2.32 -10.18 21.09
N VAL C 196 2.27 -11.50 20.98
CA VAL C 196 1.95 -12.15 19.73
C VAL C 196 0.97 -13.25 20.07
N THR C 197 -0.10 -13.36 19.29
CA THR C 197 -1.06 -14.43 19.48
C THR C 197 -0.72 -15.54 18.50
N VAL C 198 -0.58 -16.75 19.00
CA VAL C 198 -0.17 -17.88 18.16
C VAL C 198 -1.03 -19.11 18.44
N PRO C 199 -0.93 -20.13 17.59
CA PRO C 199 -1.70 -21.36 17.81
C PRO C 199 -1.28 -22.06 19.10
N SER C 200 -2.23 -22.33 19.99
CA SER C 200 -1.95 -23.11 21.19
C SER C 200 -1.16 -24.38 20.88
N SER C 201 -1.51 -25.04 19.77
CA SER C 201 -0.92 -26.33 19.44
C SER C 201 0.55 -26.24 19.03
N SER C 202 1.06 -25.03 18.86
CA SER C 202 2.42 -24.88 18.40
C SER C 202 3.41 -24.67 19.55
N LEU C 203 2.89 -24.52 20.75
CA LEU C 203 3.71 -24.05 21.87
C LEU C 203 4.81 -25.05 22.26
N GLY C 204 4.57 -26.32 22.00
CA GLY C 204 5.53 -27.34 22.37
C GLY C 204 6.64 -27.57 21.37
N THR C 205 6.55 -26.95 20.19
CA THR C 205 7.50 -27.22 19.12
C THR C 205 8.11 -25.98 18.47
N GLN C 206 7.33 -24.90 18.40
CA GLN C 206 7.75 -23.68 17.72
C GLN C 206 8.49 -22.75 18.66
N THR C 207 9.61 -22.21 18.21
CA THR C 207 10.39 -21.28 19.00
C THR C 207 9.93 -19.85 18.73
N TYR C 208 9.76 -19.09 19.80
CA TYR C 208 9.36 -17.69 19.71
C TYR C 208 10.40 -16.86 20.45
N ILE C 209 11.05 -15.96 19.71
N ILE C 209 11.05 -15.97 19.71
CA ILE C 209 12.06 -15.08 20.29
CA ILE C 209 12.14 -15.17 20.24
C ILE C 209 11.71 -13.65 19.94
C ILE C 209 11.87 -13.69 20.07
N CYS C 210 11.81 -12.74 20.91
N CYS C 210 11.62 -13.02 21.18
CA CYS C 210 11.63 -11.31 20.66
CA CYS C 210 11.51 -11.57 21.23
C CYS C 210 12.98 -10.62 20.60
C CYS C 210 12.86 -10.96 20.88
N ASN C 211 13.18 -9.85 19.54
N ASN C 211 12.87 -9.96 20.01
CA ASN C 211 14.41 -9.09 19.35
CA ASN C 211 14.08 -9.23 19.67
C ASN C 211 14.16 -7.63 19.69
C ASN C 211 13.87 -7.75 19.94
N VAL C 212 14.70 -7.20 20.82
CA VAL C 212 14.52 -5.85 21.32
C VAL C 212 15.73 -5.01 20.98
N ASN C 213 15.50 -3.85 20.39
CA ASN C 213 16.56 -2.93 20.03
C ASN C 213 16.35 -1.60 20.75
N HIS C 214 17.36 -1.18 21.50
CA HIS C 214 17.38 0.16 22.10
C HIS C 214 18.61 0.89 21.60
N LYS C 215 18.49 1.53 20.44
CA LYS C 215 19.62 2.21 19.80
C LYS C 215 20.24 3.29 20.69
N PRO C 216 19.40 4.03 21.44
CA PRO C 216 20.00 5.10 22.25
C PRO C 216 21.08 4.61 23.25
N SER C 217 21.00 3.36 23.71
CA SER C 217 22.01 2.84 24.62
C SER C 217 22.91 1.78 23.96
N ASN C 218 22.74 1.61 22.65
CA ASN C 218 23.42 0.56 21.89
C ASN C 218 23.27 -0.79 22.58
N THR C 219 22.04 -1.12 22.93
CA THR C 219 21.71 -2.41 23.54
C THR C 219 20.75 -3.18 22.63
N LYS C 220 20.99 -4.46 22.45
CA LYS C 220 20.06 -5.37 21.77
C LYS C 220 19.84 -6.57 22.66
N VAL C 221 18.60 -7.02 22.76
CA VAL C 221 18.30 -8.19 23.57
C VAL C 221 17.45 -9.18 22.79
N ASP C 222 17.83 -10.45 22.85
CA ASP C 222 17.01 -11.54 22.33
C ASP C 222 16.54 -12.37 23.51
N LYS C 223 15.24 -12.62 23.59
CA LYS C 223 14.70 -13.43 24.66
C LYS C 223 13.73 -14.47 24.10
N ARG C 224 14.06 -15.74 24.31
CA ARG C 224 13.14 -16.82 23.94
C ARG C 224 12.03 -16.88 24.98
N VAL C 225 10.81 -17.01 24.51
CA VAL C 225 9.64 -17.06 25.36
C VAL C 225 8.98 -18.43 25.24
N GLU C 226 8.94 -19.15 26.35
CA GLU C 226 8.43 -20.51 26.31
C GLU C 226 7.39 -20.73 27.39
N PRO C 227 6.59 -21.79 27.23
CA PRO C 227 5.57 -22.19 28.21
C PRO C 227 6.19 -22.47 29.56
N LYS C 228 5.47 -22.18 30.63
CA LYS C 228 5.98 -22.40 31.98
C LYS C 228 5.59 -23.79 32.48
N LEU D 4 -1.38 29.13 9.57
CA LEU D 4 -2.70 29.00 8.96
C LEU D 4 -3.69 28.49 9.99
N THR D 5 -4.92 28.98 9.91
CA THR D 5 -5.93 28.69 10.91
C THR D 5 -6.90 27.59 10.48
N GLN D 6 -6.93 26.50 11.23
CA GLN D 6 -7.89 25.42 11.06
C GLN D 6 -8.63 25.19 12.37
N PRO D 7 -9.86 24.68 12.31
CA PRO D 7 -10.53 24.28 13.55
C PRO D 7 -9.80 23.12 14.21
N PRO D 8 -9.64 23.14 15.54
CA PRO D 8 -8.90 22.05 16.20
C PRO D 8 -9.56 20.70 16.01
N SER D 9 -10.89 20.68 15.88
CA SER D 9 -11.61 19.43 15.76
CA SER D 9 -11.64 19.43 15.78
C SER D 9 -12.73 19.53 14.74
N ALA D 10 -13.11 18.38 14.19
CA ALA D 10 -14.26 18.28 13.30
C ALA D 10 -14.87 16.91 13.49
N SER D 11 -16.14 16.77 13.11
CA SER D 11 -16.77 15.47 13.23
C SER D 11 -17.92 15.28 12.27
N GLY D 12 -18.22 14.01 12.00
CA GLY D 12 -19.38 13.61 11.25
C GLY D 12 -19.66 12.16 11.54
N THR D 13 -20.78 11.65 11.05
CA THR D 13 -21.12 10.26 11.25
C THR D 13 -20.89 9.51 9.94
N PRO D 14 -20.87 8.18 9.99
CA PRO D 14 -20.53 7.44 8.78
C PRO D 14 -21.47 7.75 7.61
N GLY D 15 -20.88 8.06 6.46
CA GLY D 15 -21.64 8.34 5.26
C GLY D 15 -21.84 9.83 5.04
N GLN D 16 -21.71 10.63 6.09
CA GLN D 16 -21.90 12.07 5.96
C GLN D 16 -20.76 12.69 5.16
N ARG D 17 -20.97 13.93 4.76
CA ARG D 17 -19.98 14.70 4.02
C ARG D 17 -19.59 15.87 4.89
N VAL D 18 -18.28 16.08 5.06
CA VAL D 18 -17.81 17.14 5.92
C VAL D 18 -16.73 17.97 5.22
N THR D 19 -16.59 19.21 5.68
CA THR D 19 -15.51 20.07 5.20
C THR D 19 -14.64 20.50 6.37
N ILE D 20 -13.39 20.81 6.05
N ILE D 20 -13.38 20.79 6.08
CA ILE D 20 -12.43 21.30 7.02
CA ILE D 20 -12.46 21.32 7.05
C ILE D 20 -11.80 22.56 6.41
C ILE D 20 -11.84 22.55 6.41
N SER D 21 -11.90 23.68 7.10
CA SER D 21 -11.42 24.95 6.55
CA SER D 21 -11.41 24.93 6.54
C SER D 21 -9.98 25.26 6.95
N CYS D 22 -9.34 26.13 6.17
CA CYS D 22 -7.97 26.53 6.39
C CYS D 22 -7.88 27.97 5.93
N SER D 23 -7.66 28.88 6.87
CA SER D 23 -7.74 30.31 6.60
C SER D 23 -6.37 30.95 6.71
N GLY D 24 -6.00 31.74 5.71
CA GLY D 24 -4.69 32.34 5.66
C GLY D 24 -4.74 33.81 5.29
N SER D 25 -3.64 34.30 4.73
CA SER D 25 -3.51 35.71 4.38
CA SER D 25 -3.54 35.70 4.37
C SER D 25 -3.15 35.86 2.90
N SER D 26 -3.08 37.10 2.43
CA SER D 26 -2.77 37.38 1.04
C SER D 26 -1.43 36.80 0.61
N SER D 27 -0.46 36.76 1.51
CA SER D 27 0.90 36.34 1.14
C SER D 27 1.08 34.81 1.09
N ASN D 28 0.18 34.05 1.72
CA ASN D 28 0.24 32.60 1.58
C ASN D 28 -0.89 32.02 0.71
N ILE D 29 -2.04 31.70 1.30
CA ILE D 29 -3.13 31.12 0.53
C ILE D 29 -3.60 32.08 -0.58
N GLY D 30 -3.51 33.38 -0.32
CA GLY D 30 -3.92 34.37 -1.30
C GLY D 30 -3.07 34.37 -2.57
N SER D 31 -1.82 33.92 -2.44
CA SER D 31 -0.87 33.98 -3.55
C SER D 31 -0.37 32.61 -4.01
N ASN D 32 -0.61 31.59 -3.20
CA ASN D 32 -0.04 30.27 -3.47
C ASN D 32 -1.05 29.16 -3.27
N THR D 33 -0.71 27.98 -3.79
CA THR D 33 -1.60 26.84 -3.71
C THR D 33 -1.53 26.21 -2.32
N VAL D 34 -2.58 25.49 -1.95
CA VAL D 34 -2.67 24.85 -0.65
C VAL D 34 -2.57 23.35 -0.86
N SER D 35 -1.87 22.68 0.06
N SER D 35 -1.88 22.68 0.07
CA SER D 35 -1.85 21.23 0.07
CA SER D 35 -1.83 21.23 0.09
C SER D 35 -2.37 20.73 1.40
C SER D 35 -2.36 20.72 1.42
N TRP D 36 -2.81 19.48 1.43
CA TRP D 36 -3.36 18.86 2.64
C TRP D 36 -2.67 17.55 2.93
N TYR D 37 -2.55 17.25 4.21
CA TYR D 37 -1.87 16.04 4.66
C TYR D 37 -2.73 15.36 5.68
N GLN D 38 -2.68 14.04 5.66
CA GLN D 38 -3.41 13.22 6.60
C GLN D 38 -2.40 12.53 7.50
N GLN D 39 -2.67 12.51 8.80
CA GLN D 39 -1.76 11.85 9.74
C GLN D 39 -2.49 11.10 10.84
N VAL D 40 -2.19 9.81 10.98
CA VAL D 40 -2.60 9.08 12.17
C VAL D 40 -1.50 9.28 13.18
N PRO D 41 -1.84 9.83 14.36
CA PRO D 41 -0.78 10.11 15.33
C PRO D 41 0.09 8.87 15.61
N GLY D 42 1.39 9.05 15.64
CA GLY D 42 2.32 7.94 15.82
C GLY D 42 3.03 7.56 14.53
N THR D 43 2.52 8.07 13.41
CA THR D 43 3.10 7.74 12.09
C THR D 43 3.26 9.01 11.26
N ALA D 44 4.06 8.92 10.20
CA ALA D 44 4.34 10.07 9.34
C ALA D 44 3.10 10.54 8.60
N PRO D 45 2.99 11.86 8.35
CA PRO D 45 1.93 12.35 7.49
C PRO D 45 2.06 11.81 6.08
N LYS D 46 0.95 11.81 5.35
CA LYS D 46 0.96 11.51 3.93
C LYS D 46 0.25 12.62 3.16
N LEU D 47 0.77 12.94 1.98
CA LEU D 47 0.14 13.93 1.11
C LEU D 47 -1.22 13.44 0.61
N LEU D 48 -2.23 14.29 0.74
CA LEU D 48 -3.60 13.94 0.42
C LEU D 48 -4.07 14.73 -0.80
N ILE D 49 -3.77 16.03 -0.81
CA ILE D 49 -4.13 16.93 -1.90
C ILE D 49 -3.00 17.91 -2.15
N TYR D 50 -2.72 18.23 -3.41
CA TYR D 50 -1.74 19.27 -3.72
C TYR D 50 -2.28 20.18 -4.83
N GLY D 51 -1.67 21.34 -5.00
CA GLY D 51 -2.09 22.30 -6.01
C GLY D 51 -3.56 22.65 -5.88
N ASN D 52 -4.01 22.87 -4.65
CA ASN D 52 -5.41 23.22 -4.35
C ASN D 52 -6.38 22.04 -4.46
N ASN D 53 -6.33 21.31 -5.57
CA ASN D 53 -7.38 20.34 -5.87
C ASN D 53 -6.94 19.04 -6.57
N GLU D 54 -5.65 18.74 -6.56
CA GLU D 54 -5.11 17.53 -7.20
C GLU D 54 -4.87 16.39 -6.21
N ARG D 55 -5.12 15.16 -6.65
CA ARG D 55 -4.98 13.97 -5.81
C ARG D 55 -3.83 13.08 -6.26
N PRO D 56 -2.94 12.74 -5.32
CA PRO D 56 -1.93 11.71 -5.59
C PRO D 56 -2.60 10.38 -5.92
N SER D 57 -1.88 9.49 -6.60
CA SER D 57 -2.39 8.15 -6.84
C SER D 57 -2.46 7.43 -5.50
N GLY D 58 -3.57 6.74 -5.24
CA GLY D 58 -3.73 6.00 -4.01
C GLY D 58 -4.60 6.72 -3.00
N VAL D 59 -4.87 8.00 -3.24
CA VAL D 59 -5.78 8.76 -2.38
C VAL D 59 -7.20 8.61 -2.92
N PRO D 60 -8.13 8.15 -2.08
CA PRO D 60 -9.52 7.91 -2.52
C PRO D 60 -10.20 9.18 -3.05
N ASP D 61 -11.11 9.02 -4.00
CA ASP D 61 -11.74 10.19 -4.64
C ASP D 61 -12.78 10.90 -3.77
N ARG D 62 -13.08 10.35 -2.58
CA ARG D 62 -13.96 11.05 -1.66
C ARG D 62 -13.26 12.26 -1.04
N PHE D 63 -11.94 12.36 -1.23
CA PHE D 63 -11.19 13.52 -0.77
C PHE D 63 -11.05 14.54 -1.90
N SER D 64 -11.38 15.79 -1.62
CA SER D 64 -11.21 16.84 -2.62
C SER D 64 -10.93 18.19 -1.96
N GLY D 65 -10.25 19.06 -2.69
CA GLY D 65 -9.85 20.35 -2.15
C GLY D 65 -10.29 21.49 -3.05
N SER D 66 -10.48 22.65 -2.43
CA SER D 66 -10.80 23.86 -3.15
C SER D 66 -10.16 25.05 -2.43
N LYS D 67 -10.09 26.19 -3.10
CA LYS D 67 -9.51 27.38 -2.51
C LYS D 67 -10.10 28.61 -3.17
N SER D 68 -10.49 29.59 -2.36
CA SER D 68 -10.99 30.85 -2.86
C SER D 68 -10.50 32.01 -2.00
N ALA D 69 -9.97 33.04 -2.64
CA ALA D 69 -9.40 34.17 -1.94
C ALA D 69 -8.33 33.68 -0.99
N THR D 70 -8.55 33.83 0.31
CA THR D 70 -7.54 33.48 1.30
C THR D 70 -7.93 32.30 2.18
N SER D 71 -8.90 31.51 1.75
CA SER D 71 -9.26 30.31 2.51
C SER D 71 -9.33 29.08 1.60
N ALA D 72 -9.02 27.93 2.18
CA ALA D 72 -9.06 26.67 1.46
C ALA D 72 -9.92 25.70 2.26
N SER D 73 -10.43 24.68 1.58
N SER D 73 -10.45 24.70 1.58
CA SER D 73 -11.33 23.71 2.21
CA SER D 73 -11.24 23.68 2.25
C SER D 73 -11.11 22.30 1.68
C SER D 73 -10.94 22.30 1.70
N LEU D 74 -10.97 21.34 2.60
CA LEU D 74 -10.90 19.93 2.26
C LEU D 74 -12.29 19.34 2.49
N ALA D 75 -12.84 18.72 1.46
CA ALA D 75 -14.13 18.02 1.57
C ALA D 75 -13.88 16.52 1.61
N ILE D 76 -14.53 15.85 2.56
CA ILE D 76 -14.51 14.40 2.63
C ILE D 76 -15.96 13.95 2.45
N SER D 77 -16.22 13.29 1.32
CA SER D 77 -17.58 12.98 0.90
C SER D 77 -17.91 11.54 1.16
N GLY D 78 -18.47 11.26 2.33
CA GLY D 78 -18.87 9.92 2.69
C GLY D 78 -17.89 9.36 3.70
N LEU D 79 -18.00 9.84 4.94
CA LEU D 79 -17.04 9.49 5.99
C LEU D 79 -17.01 8.00 6.23
N GLN D 80 -15.80 7.50 6.44
CA GLN D 80 -15.58 6.11 6.77
C GLN D 80 -14.67 6.07 7.98
N SER D 81 -14.68 4.95 8.69
N SER D 81 -14.68 4.94 8.68
CA SER D 81 -13.92 4.79 9.93
CA SER D 81 -13.91 4.77 9.92
C SER D 81 -12.44 5.13 9.74
C SER D 81 -12.45 5.15 9.72
N GLU D 82 -11.89 4.73 8.59
CA GLU D 82 -10.47 4.90 8.33
C GLU D 82 -10.10 6.37 8.13
N ASP D 83 -11.09 7.25 8.07
CA ASP D 83 -10.85 8.67 7.88
C ASP D 83 -10.54 9.40 9.17
N GLU D 84 -10.69 8.72 10.30
CA GLU D 84 -10.29 9.32 11.57
C GLU D 84 -8.79 9.55 11.55
N ALA D 85 -8.40 10.81 11.68
CA ALA D 85 -7.01 11.20 11.56
C ALA D 85 -6.89 12.69 11.83
N ASP D 86 -5.66 13.20 11.86
CA ASP D 86 -5.42 14.63 11.92
C ASP D 86 -5.14 15.10 10.50
N TYR D 87 -5.72 16.26 10.13
CA TYR D 87 -5.55 16.81 8.80
C TYR D 87 -4.88 18.16 8.89
N TYR D 88 -3.84 18.37 8.09
CA TYR D 88 -3.11 19.64 8.06
C TYR D 88 -3.17 20.27 6.68
N CYS D 89 -3.38 21.57 6.64
CA CYS D 89 -3.18 22.31 5.39
C CYS D 89 -1.79 22.95 5.42
N ALA D 90 -1.28 23.34 4.26
CA ALA D 90 0.02 23.99 4.20
C ALA D 90 0.07 24.87 2.96
N ALA D 91 0.84 25.95 3.04
CA ALA D 91 1.03 26.82 1.89
C ALA D 91 2.36 27.55 2.00
N TRP D 92 2.92 27.87 0.84
CA TRP D 92 4.11 28.71 0.78
C TRP D 92 3.71 30.14 1.03
N ASP D 93 4.55 30.88 1.75
CA ASP D 93 4.31 32.28 2.02
C ASP D 93 5.43 33.09 1.35
N ASP D 94 5.03 34.04 0.51
CA ASP D 94 5.94 34.81 -0.32
C ASP D 94 6.74 35.84 0.45
N SER D 95 6.28 36.18 1.64
CA SER D 95 6.85 37.30 2.37
C SER D 95 8.28 37.03 2.80
N LEU D 96 9.07 38.09 2.91
CA LEU D 96 10.46 37.97 3.31
C LEU D 96 11.21 37.13 2.29
N ASN D 97 12.09 36.26 2.77
CA ASN D 97 12.83 35.35 1.90
C ASN D 97 11.93 34.21 1.44
N GLY D 98 10.81 34.03 2.14
CA GLY D 98 9.89 32.94 1.84
C GLY D 98 9.97 31.86 2.90
N PHE D 99 8.85 31.19 3.14
CA PHE D 99 8.80 30.11 4.13
C PHE D 99 7.51 29.33 4.03
N TRP D 100 7.52 28.12 4.56
CA TRP D 100 6.36 27.27 4.59
C TRP D 100 5.56 27.49 5.86
N VAL D 101 4.24 27.42 5.74
CA VAL D 101 3.39 27.46 6.91
C VAL D 101 2.44 26.26 6.90
N PHE D 102 2.39 25.53 8.00
CA PHE D 102 1.38 24.49 8.21
C PHE D 102 0.27 25.06 9.07
N GLY D 103 -0.96 24.56 8.89
CA GLY D 103 -2.03 24.90 9.79
C GLY D 103 -1.84 24.15 11.09
N GLY D 104 -2.69 24.45 12.08
CA GLY D 104 -2.57 23.84 13.39
C GLY D 104 -3.08 22.42 13.47
N GLY D 105 -3.73 21.97 12.39
CA GLY D 105 -4.27 20.61 12.34
C GLY D 105 -5.70 20.54 12.82
N THR D 106 -6.46 19.62 12.22
CA THR D 106 -7.83 19.35 12.61
C THR D 106 -7.93 17.87 12.92
N LYS D 107 -8.33 17.53 14.14
CA LYS D 107 -8.61 16.14 14.51
C LYS D 107 -10.04 15.79 14.08
N LEU D 108 -10.18 14.84 13.16
CA LEU D 108 -11.49 14.42 12.67
C LEU D 108 -11.92 13.14 13.37
N THR D 109 -13.09 13.21 14.03
CA THR D 109 -13.70 12.07 14.68
C THR D 109 -14.90 11.64 13.84
N VAL D 110 -15.02 10.34 13.60
CA VAL D 110 -16.21 9.81 12.97
C VAL D 110 -17.08 9.24 14.09
N LEU D 111 -18.03 10.05 14.51
CA LEU D 111 -18.96 9.66 15.56
C LEU D 111 -20.03 8.72 15.04
N GLY D 112 -20.76 8.08 15.95
CA GLY D 112 -21.86 7.22 15.58
C GLY D 112 -21.44 5.94 14.90
N GLN D 113 -20.25 5.46 15.21
CA GLN D 113 -19.79 4.17 14.70
C GLN D 113 -20.13 3.09 15.72
N PRO D 114 -20.14 1.82 15.27
CA PRO D 114 -20.35 0.73 16.23
C PRO D 114 -19.28 0.73 17.30
N LYS D 115 -19.66 0.43 18.54
CA LYS D 115 -18.66 0.23 19.58
C LYS D 115 -17.89 -1.05 19.30
N ALA D 116 -16.61 -1.04 19.67
CA ALA D 116 -15.78 -2.23 19.72
C ALA D 116 -15.32 -2.40 21.15
N ALA D 117 -15.64 -3.55 21.74
CA ALA D 117 -15.28 -3.81 23.12
C ALA D 117 -13.82 -4.21 23.24
N PRO D 118 -13.17 -3.82 24.34
CA PRO D 118 -11.75 -4.15 24.46
C PRO D 118 -11.49 -5.63 24.62
N SER D 119 -10.36 -6.06 24.06
N SER D 119 -10.41 -6.08 24.00
CA SER D 119 -9.79 -7.38 24.30
CA SER D 119 -9.86 -7.37 24.35
C SER D 119 -8.69 -7.24 25.32
C SER D 119 -8.87 -7.07 25.47
N VAL D 120 -8.81 -7.96 26.43
CA VAL D 120 -7.92 -7.78 27.58
C VAL D 120 -7.10 -9.03 27.83
N THR D 121 -5.78 -8.86 27.90
CA THR D 121 -4.87 -9.94 28.25
C THR D 121 -4.06 -9.52 29.47
N LEU D 122 -4.03 -10.39 30.47
CA LEU D 122 -3.33 -10.09 31.71
C LEU D 122 -2.25 -11.14 31.96
N PHE D 123 -1.01 -10.68 32.12
CA PHE D 123 0.09 -11.57 32.47
C PHE D 123 0.53 -11.37 33.90
N PRO D 124 0.81 -12.48 34.60
CA PRO D 124 1.41 -12.37 35.94
C PRO D 124 2.90 -12.07 35.84
N PRO D 125 3.55 -11.82 36.99
CA PRO D 125 5.01 -11.67 36.98
C PRO D 125 5.67 -12.95 36.52
N SER D 126 6.72 -12.81 35.71
CA SER D 126 7.53 -13.95 35.29
C SER D 126 8.39 -14.43 36.44
N SER D 127 8.76 -15.70 36.42
N SER D 127 8.75 -15.71 36.43
CA SER D 127 9.66 -16.24 37.44
CA SER D 127 9.66 -16.25 37.43
C SER D 127 10.98 -15.47 37.40
C SER D 127 10.97 -15.47 37.40
N GLU D 128 11.41 -15.10 36.20
CA GLU D 128 12.65 -14.35 36.04
C GLU D 128 12.61 -12.98 36.71
N GLU D 129 11.47 -12.30 36.63
CA GLU D 129 11.39 -10.99 37.25
C GLU D 129 11.36 -11.14 38.76
N LEU D 130 10.64 -12.16 39.24
CA LEU D 130 10.59 -12.45 40.66
C LEU D 130 11.99 -12.73 41.21
N GLN D 131 12.82 -13.37 40.40
CA GLN D 131 14.21 -13.67 40.78
C GLN D 131 15.01 -12.37 40.87
N ALA D 132 14.61 -11.37 40.09
CA ALA D 132 15.21 -10.04 40.15
C ALA D 132 14.62 -9.19 41.27
N ASN D 133 13.82 -9.82 42.12
N ASN D 133 13.81 -9.82 42.12
CA ASN D 133 13.21 -9.14 43.27
CA ASN D 133 13.19 -9.18 43.28
C ASN D 133 12.27 -8.02 42.82
C ASN D 133 12.15 -8.10 42.91
N LYS D 134 11.53 -8.28 41.75
CA LYS D 134 10.49 -7.37 41.28
C LYS D 134 9.29 -8.18 40.84
N ALA D 135 8.16 -7.50 40.65
CA ALA D 135 6.94 -8.17 40.19
C ALA D 135 6.10 -7.15 39.44
N THR D 136 5.83 -7.43 38.17
CA THR D 136 4.98 -6.56 37.37
C THR D 136 3.87 -7.38 36.76
N LEU D 137 2.62 -6.96 37.00
CA LEU D 137 1.48 -7.50 36.30
C LEU D 137 1.21 -6.62 35.10
N VAL D 138 0.95 -7.24 33.95
CA VAL D 138 0.83 -6.52 32.69
C VAL D 138 -0.55 -6.73 32.09
N CYS D 139 -1.32 -5.65 31.96
CA CYS D 139 -2.68 -5.71 31.46
C CYS D 139 -2.71 -4.99 30.11
N LEU D 140 -2.89 -5.76 29.04
CA LEU D 140 -2.86 -5.24 27.70
C LEU D 140 -4.28 -5.14 27.13
N ILE D 141 -4.63 -3.97 26.62
CA ILE D 141 -6.01 -3.66 26.27
C ILE D 141 -6.03 -3.22 24.81
N SER D 142 -6.75 -3.94 23.96
CA SER D 142 -6.68 -3.67 22.53
C SER D 142 -8.03 -3.69 21.82
N ASP D 143 -8.04 -3.14 20.62
CA ASP D 143 -9.16 -3.26 19.70
C ASP D 143 -10.44 -2.61 20.22
N PHE D 144 -10.31 -1.51 20.96
CA PHE D 144 -11.51 -0.85 21.48
C PHE D 144 -11.81 0.46 20.79
N TYR D 145 -13.10 0.79 20.77
CA TYR D 145 -13.55 2.04 20.19
C TYR D 145 -14.92 2.38 20.76
N PRO D 146 -15.14 3.65 21.16
CA PRO D 146 -14.24 4.80 21.11
C PRO D 146 -13.02 4.66 22.00
N GLY D 147 -12.09 5.61 21.89
CA GLY D 147 -10.78 5.46 22.48
C GLY D 147 -10.64 6.05 23.87
N ALA D 148 -11.41 5.51 24.80
CA ALA D 148 -11.30 5.89 26.20
C ALA D 148 -11.67 4.72 27.07
N VAL D 149 -10.80 4.41 28.03
CA VAL D 149 -11.06 3.36 29.02
C VAL D 149 -10.60 3.85 30.37
N THR D 150 -11.13 3.23 31.43
CA THR D 150 -10.56 3.40 32.75
C THR D 150 -10.19 2.01 33.26
N VAL D 151 -9.06 1.95 33.96
CA VAL D 151 -8.55 0.70 34.48
C VAL D 151 -8.45 0.82 35.98
N ALA D 152 -8.93 -0.20 36.67
CA ALA D 152 -8.83 -0.30 38.12
C ALA D 152 -8.30 -1.67 38.46
N TRP D 153 -7.46 -1.74 39.48
CA TRP D 153 -6.92 -3.02 39.88
C TRP D 153 -7.44 -3.42 41.25
N LYS D 154 -7.55 -4.72 41.46
CA LYS D 154 -8.01 -5.26 42.73
C LYS D 154 -6.99 -6.27 43.25
N ALA D 155 -6.72 -6.21 44.55
CA ALA D 155 -5.91 -7.23 45.21
C ALA D 155 -6.92 -8.04 46.02
N ASP D 156 -7.12 -9.28 45.60
CA ASP D 156 -8.28 -10.04 46.04
C ASP D 156 -9.52 -9.23 45.61
N SER D 157 -10.27 -8.70 46.57
CA SER D 157 -11.40 -7.83 46.23
C SER D 157 -11.22 -6.36 46.64
N SER D 158 -10.01 -6.00 47.07
CA SER D 158 -9.75 -4.64 47.56
C SER D 158 -9.11 -3.74 46.50
N PRO D 159 -9.58 -2.50 46.38
CA PRO D 159 -8.99 -1.53 45.46
C PRO D 159 -7.50 -1.32 45.70
N VAL D 160 -6.74 -1.28 44.62
CA VAL D 160 -5.30 -1.07 44.67
C VAL D 160 -5.02 0.43 44.53
N LYS D 161 -4.31 1.00 45.50
CA LYS D 161 -4.05 2.44 45.51
C LYS D 161 -2.61 2.79 45.14
N ALA D 162 -1.77 1.77 45.01
CA ALA D 162 -0.34 2.00 44.74
C ALA D 162 0.18 1.13 43.60
N GLY D 163 1.17 1.65 42.87
CA GLY D 163 1.91 0.86 41.91
C GLY D 163 1.33 0.79 40.51
N VAL D 164 0.25 1.51 40.26
CA VAL D 164 -0.43 1.44 38.95
C VAL D 164 0.08 2.52 38.00
N GLU D 165 0.38 2.12 36.77
CA GLU D 165 0.77 3.04 35.71
C GLU D 165 0.05 2.65 34.42
N THR D 166 -0.72 3.58 33.86
CA THR D 166 -1.59 3.27 32.74
C THR D 166 -1.34 4.28 31.63
N THR D 167 -1.23 3.79 30.40
CA THR D 167 -1.01 4.66 29.25
C THR D 167 -2.31 5.33 28.79
N THR D 168 -2.13 6.41 28.05
CA THR D 168 -3.21 7.00 27.27
C THR D 168 -3.56 6.04 26.14
N PRO D 169 -4.81 6.06 25.70
CA PRO D 169 -5.11 5.19 24.56
C PRO D 169 -4.53 5.77 23.28
N SER D 170 -4.04 4.89 22.41
CA SER D 170 -3.45 5.31 21.16
C SER D 170 -4.04 4.50 20.01
N LYS D 171 -4.09 5.11 18.83
CA LYS D 171 -4.59 4.43 17.66
C LYS D 171 -3.72 3.26 17.23
N GLN D 172 -4.39 2.16 16.87
CA GLN D 172 -3.75 1.00 16.25
C GLN D 172 -3.85 1.17 14.74
N SER D 173 -3.17 0.29 14.00
CA SER D 173 -3.20 0.34 12.55
C SER D 173 -4.58 0.05 11.99
N ASN D 174 -5.44 -0.59 12.77
CA ASN D 174 -6.80 -0.91 12.30
C ASN D 174 -7.84 0.14 12.73
N ASN D 175 -7.35 1.28 13.24
CA ASN D 175 -8.21 2.41 13.59
C ASN D 175 -9.02 2.24 14.88
N LYS D 176 -8.82 1.12 15.58
CA LYS D 176 -9.30 0.99 16.95
C LYS D 176 -8.18 1.48 17.88
N TYR D 177 -8.38 1.34 19.18
CA TYR D 177 -7.43 1.87 20.15
C TYR D 177 -6.83 0.77 21.01
N ALA D 178 -5.66 1.08 21.56
CA ALA D 178 -4.97 0.21 22.51
C ALA D 178 -4.51 1.03 23.70
N ALA D 179 -4.27 0.32 24.81
CA ALA D 179 -3.71 0.91 26.02
C ALA D 179 -3.13 -0.21 26.84
N SER D 180 -2.27 0.12 27.79
CA SER D 180 -1.75 -0.89 28.69
C SER D 180 -1.67 -0.32 30.09
N SER D 181 -1.78 -1.22 31.06
CA SER D 181 -1.69 -0.86 32.46
C SER D 181 -0.78 -1.84 33.16
N TYR D 182 0.07 -1.30 34.04
CA TYR D 182 1.06 -2.08 34.76
C TYR D 182 0.88 -1.89 36.25
N LEU D 183 0.92 -3.00 36.98
CA LEU D 183 0.85 -2.95 38.44
C LEU D 183 2.17 -3.48 39.00
N SER D 184 2.91 -2.60 39.67
CA SER D 184 4.19 -2.96 40.29
C SER D 184 3.99 -3.38 41.74
N LEU D 185 4.47 -4.57 42.08
CA LEU D 185 4.37 -5.13 43.42
C LEU D 185 5.74 -5.63 43.84
N THR D 186 5.88 -5.92 45.13
CA THR D 186 7.03 -6.68 45.61
C THR D 186 6.67 -8.14 45.44
N PRO D 187 7.68 -9.01 45.27
CA PRO D 187 7.39 -10.44 45.21
C PRO D 187 6.55 -10.90 46.41
N GLU D 188 6.81 -10.32 47.58
CA GLU D 188 6.09 -10.68 48.80
C GLU D 188 4.59 -10.36 48.69
N GLN D 189 4.25 -9.21 48.13
CA GLN D 189 2.85 -8.82 47.95
C GLN D 189 2.17 -9.74 46.95
N TRP D 190 2.86 -10.08 45.88
CA TRP D 190 2.32 -10.96 44.85
C TRP D 190 1.95 -12.33 45.42
N LYS D 191 2.83 -12.85 46.28
CA LYS D 191 2.65 -14.17 46.87
C LYS D 191 1.62 -14.21 48.00
N SER D 192 1.32 -13.06 48.59
CA SER D 192 0.49 -13.01 49.80
C SER D 192 -1.01 -12.81 49.54
N HIS D 193 -1.38 -12.58 48.28
CA HIS D 193 -2.78 -12.47 47.94
C HIS D 193 -3.25 -13.68 47.16
N LYS D 194 -4.55 -13.96 47.24
CA LYS D 194 -5.15 -15.06 46.50
C LYS D 194 -5.16 -14.77 45.01
N SER D 195 -5.44 -13.52 44.65
CA SER D 195 -5.46 -13.12 43.25
C SER D 195 -5.32 -11.62 43.09
N TYR D 196 -5.04 -11.21 41.87
CA TYR D 196 -5.10 -9.81 41.45
C TYR D 196 -5.95 -9.74 40.18
N SER D 197 -6.71 -8.66 40.02
CA SER D 197 -7.52 -8.48 38.83
C SER D 197 -7.32 -7.13 38.18
N CYS D 198 -7.33 -7.14 36.85
N CYS D 198 -7.32 -7.09 36.84
CA CYS D 198 -7.37 -5.92 36.05
CA CYS D 198 -7.34 -5.81 36.14
C CYS D 198 -8.83 -5.75 35.62
C CYS D 198 -8.71 -5.64 35.49
N GLN D 199 -9.41 -4.60 35.92
CA GLN D 199 -10.80 -4.33 35.55
C GLN D 199 -10.85 -3.15 34.58
N VAL D 200 -11.39 -3.40 33.39
CA VAL D 200 -11.35 -2.42 32.32
C VAL D 200 -12.77 -1.98 32.02
N THR D 201 -13.01 -0.68 32.18
CA THR D 201 -14.32 -0.09 31.91
C THR D 201 -14.27 0.68 30.61
N HIS D 202 -15.21 0.37 29.73
CA HIS D 202 -15.29 0.97 28.41
C HIS D 202 -16.76 1.27 28.13
N GLU D 203 -17.09 2.55 27.99
CA GLU D 203 -18.45 2.98 27.68
C GLU D 203 -19.46 2.32 28.64
N GLY D 204 -19.12 2.35 29.92
CA GLY D 204 -20.00 1.86 30.96
C GLY D 204 -20.01 0.36 31.16
N SER D 205 -19.21 -0.36 30.36
CA SER D 205 -19.13 -1.82 30.47
C SER D 205 -17.80 -2.23 31.08
N THR D 206 -17.85 -3.03 32.14
CA THR D 206 -16.62 -3.41 32.83
C THR D 206 -16.39 -4.89 32.70
N VAL D 207 -15.19 -5.26 32.26
CA VAL D 207 -14.79 -6.66 32.19
C VAL D 207 -13.50 -6.82 32.99
N GLU D 208 -13.20 -8.05 33.36
CA GLU D 208 -12.14 -8.30 34.32
C GLU D 208 -11.33 -9.53 33.92
N LYS D 209 -10.01 -9.47 34.08
CA LYS D 209 -9.18 -10.66 34.01
C LYS D 209 -8.48 -10.79 35.36
N THR D 210 -8.20 -12.02 35.76
CA THR D 210 -7.62 -12.28 37.07
C THR D 210 -6.47 -13.26 36.95
N VAL D 211 -5.44 -13.06 37.75
CA VAL D 211 -4.34 -14.02 37.85
C VAL D 211 -4.02 -14.30 39.29
N ALA D 212 -3.35 -15.42 39.55
CA ALA D 212 -3.05 -15.81 40.91
C ALA D 212 -1.66 -16.42 40.99
N PRO D 213 -0.93 -16.14 42.08
CA PRO D 213 0.42 -16.68 42.27
C PRO D 213 0.42 -18.20 42.26
N THR D 214 -0.72 -18.79 42.61
CA THR D 214 -0.86 -20.25 42.59
C THR D 214 -0.54 -20.79 41.19
#